data_1SOH
#
_entry.id   1SOH
#
_cell.length_a   1.000
_cell.length_b   1.000
_cell.length_c   1.000
_cell.angle_alpha   90.00
_cell.angle_beta   90.00
_cell.angle_gamma   90.00
#
_symmetry.space_group_name_H-M   'P 1'
#
_entity_poly.entity_id   1
_entity_poly.type   'polypeptide(L)'
_entity_poly.pdbx_seq_one_letter_code
;TQQPQQDEMPSPTFLTQVKESLSSYWESAKTAAQNLYEKTYLPAVDEKLRDLYSKSTAAMSTYTGIFTDQVLSVLKGEE
;
_entity_poly.pdbx_strand_id   A
#
# COMPACT_ATOMS: atom_id res chain seq x y z
N THR A 13 18.79 -18.61 -4.84
CA THR A 13 20.28 -18.68 -4.83
C THR A 13 20.91 -17.32 -5.11
N PHE A 14 21.14 -17.02 -6.39
CA PHE A 14 21.72 -15.74 -6.77
C PHE A 14 20.69 -14.63 -6.65
N LEU A 15 19.42 -15.00 -6.75
CA LEU A 15 18.33 -14.04 -6.64
C LEU A 15 18.11 -13.64 -5.19
N THR A 16 18.45 -14.53 -4.27
CA THR A 16 18.29 -14.27 -2.84
C THR A 16 19.12 -13.06 -2.42
N GLN A 17 20.30 -12.92 -3.01
CA GLN A 17 21.17 -11.80 -2.69
C GLN A 17 20.48 -10.49 -3.08
N VAL A 18 20.05 -10.39 -4.33
CA VAL A 18 19.38 -9.19 -4.81
C VAL A 18 18.10 -8.98 -4.01
N LYS A 19 17.46 -10.08 -3.63
CA LYS A 19 16.24 -10.01 -2.85
C LYS A 19 16.48 -9.20 -1.58
N GLU A 20 17.74 -9.18 -1.15
CA GLU A 20 18.11 -8.41 0.03
C GLU A 20 18.20 -6.93 -0.30
N SER A 21 18.46 -6.64 -1.58
CA SER A 21 18.58 -5.27 -2.05
C SER A 21 17.25 -4.76 -2.59
N LEU A 22 16.67 -5.51 -3.54
CA LEU A 22 15.40 -5.12 -4.13
C LEU A 22 14.34 -4.99 -3.05
N SER A 23 14.59 -5.62 -1.91
CA SER A 23 13.67 -5.58 -0.79
C SER A 23 14.09 -4.48 0.20
N SER A 24 15.35 -4.07 0.13
CA SER A 24 15.85 -3.02 1.02
C SER A 24 15.21 -1.68 0.70
N TYR A 25 14.55 -1.59 -0.45
CA TYR A 25 13.88 -0.38 -0.86
C TYR A 25 12.36 -0.59 -0.87
N TRP A 26 11.95 -1.83 -0.63
CA TRP A 26 10.53 -2.17 -0.59
C TRP A 26 10.04 -2.06 0.84
N GLU A 27 10.96 -2.19 1.78
CA GLU A 27 10.63 -2.09 3.20
C GLU A 27 10.55 -0.63 3.64
N SER A 28 11.24 0.23 2.89
CA SER A 28 11.25 1.66 3.19
C SER A 28 9.95 2.29 2.73
N ALA A 29 9.57 1.98 1.49
CA ALA A 29 8.35 2.51 0.92
C ALA A 29 7.18 2.31 1.90
N LYS A 30 7.29 1.26 2.71
CA LYS A 30 6.27 0.96 3.69
C LYS A 30 6.51 1.72 4.98
N THR A 31 7.78 2.00 5.28
CA THR A 31 8.13 2.75 6.48
C THR A 31 7.67 4.19 6.37
N ALA A 32 7.61 4.70 5.15
CA ALA A 32 7.17 6.07 4.91
C ALA A 32 5.78 6.10 4.27
N ALA A 33 5.03 5.02 4.44
CA ALA A 33 3.68 4.94 3.90
C ALA A 33 2.64 5.25 4.96
N GLN A 34 2.69 4.51 6.06
CA GLN A 34 1.76 4.71 7.16
C GLN A 34 1.90 6.13 7.73
N ASN A 35 3.05 6.75 7.47
CA ASN A 35 3.31 8.10 7.94
C ASN A 35 2.47 9.11 7.18
N LEU A 36 2.67 9.14 5.87
CA LEU A 36 1.92 10.06 5.01
C LEU A 36 0.47 9.65 4.92
N TYR A 37 0.22 8.35 4.91
CA TYR A 37 -1.14 7.82 4.82
C TYR A 37 -2.00 8.34 5.97
N GLU A 38 -1.36 8.76 7.04
CA GLU A 38 -2.07 9.28 8.20
C GLU A 38 -2.74 10.61 7.88
N LYS A 39 -2.12 11.38 6.99
CA LYS A 39 -2.66 12.67 6.59
C LYS A 39 -3.52 12.55 5.33
N THR A 40 -3.88 11.32 4.99
CA THR A 40 -4.70 11.07 3.80
C THR A 40 -4.08 11.71 2.55
N TYR A 41 -2.75 11.61 2.45
CA TYR A 41 -2.02 12.16 1.31
C TYR A 41 -2.54 13.56 0.95
N LEU A 42 -2.97 14.28 1.97
CA LEU A 42 -3.50 15.64 1.80
C LEU A 42 -2.65 16.47 0.84
N PRO A 43 -1.32 16.50 1.04
CA PRO A 43 -0.39 17.27 0.20
C PRO A 43 -0.74 17.25 -1.28
N ALA A 44 -1.38 16.18 -1.75
CA ALA A 44 -1.75 16.08 -3.16
C ALA A 44 -2.80 15.01 -3.41
N VAL A 45 -3.61 14.71 -2.40
CA VAL A 45 -4.66 13.71 -2.55
C VAL A 45 -5.83 14.30 -3.34
N ASP A 46 -6.10 15.58 -3.09
CA ASP A 46 -7.17 16.27 -3.78
C ASP A 46 -6.79 16.53 -5.23
N GLU A 47 -5.49 16.47 -5.53
CA GLU A 47 -5.01 16.68 -6.88
C GLU A 47 -4.31 15.45 -7.44
N LYS A 48 -4.54 14.29 -6.80
CA LYS A 48 -3.92 13.05 -7.24
C LYS A 48 -4.75 11.83 -6.82
N LEU A 49 -5.03 11.74 -5.52
CA LEU A 49 -5.82 10.62 -5.01
C LEU A 49 -7.31 10.98 -5.08
N ARG A 50 -7.71 11.60 -6.19
CA ARG A 50 -9.09 12.00 -6.40
C ARG A 50 -9.26 12.69 -7.75
N ASP A 51 -8.17 13.28 -8.27
CA ASP A 51 -8.23 13.97 -9.56
C ASP A 51 -7.39 13.24 -10.60
N LEU A 52 -6.28 12.65 -10.17
CA LEU A 52 -5.40 11.92 -11.07
C LEU A 52 -5.79 10.44 -11.15
N TYR A 53 -6.98 10.13 -10.68
CA TYR A 53 -7.47 8.76 -10.70
C TYR A 53 -8.89 8.70 -11.28
N SER A 54 -9.74 9.61 -10.81
CA SER A 54 -11.12 9.68 -11.28
C SER A 54 -11.83 8.35 -11.07
N LYS A 55 -11.71 7.80 -9.87
CA LYS A 55 -12.34 6.52 -9.54
C LYS A 55 -11.93 5.44 -10.53
N SER A 56 -10.81 5.65 -11.21
CA SER A 56 -10.31 4.69 -12.18
C SER A 56 -10.18 3.31 -11.55
N THR A 57 -9.56 3.27 -10.37
CA THR A 57 -9.38 2.03 -9.64
C THR A 57 -9.43 2.26 -8.14
N ALA A 58 -10.05 3.36 -7.75
CA ALA A 58 -10.19 3.70 -6.33
C ALA A 58 -11.27 2.85 -5.70
N ALA A 59 -12.42 2.77 -6.38
CA ALA A 59 -13.53 1.97 -5.89
C ALA A 59 -13.23 0.48 -6.02
N MET A 60 -12.32 0.14 -6.94
CA MET A 60 -11.94 -1.24 -7.16
C MET A 60 -10.99 -1.72 -6.06
N SER A 61 -10.24 -0.78 -5.49
CA SER A 61 -9.29 -1.11 -4.44
C SER A 61 -9.99 -1.17 -3.09
N THR A 62 -10.40 -0.01 -2.58
CA THR A 62 -11.09 0.07 -1.30
C THR A 62 -10.22 -0.48 -0.18
N TYR A 63 -8.96 -0.80 -0.47
CA TYR A 63 -8.05 -1.34 0.52
C TYR A 63 -8.20 -0.61 1.84
N THR A 64 -8.59 0.67 1.77
CA THR A 64 -8.78 1.47 2.96
C THR A 64 -9.68 0.73 3.95
N GLY A 65 -10.54 -0.15 3.43
CA GLY A 65 -11.43 -0.90 4.27
C GLY A 65 -11.03 -2.36 4.40
N ILE A 66 -10.00 -2.77 3.65
CA ILE A 66 -9.53 -4.15 3.68
C ILE A 66 -8.15 -4.25 4.32
N PHE A 67 -7.48 -3.11 4.49
CA PHE A 67 -6.15 -3.09 5.08
C PHE A 67 -6.06 -4.02 6.30
N THR A 68 -7.18 -4.17 6.99
CA THR A 68 -7.24 -5.04 8.16
C THR A 68 -8.04 -6.30 7.86
N ASP A 69 -8.91 -6.22 6.86
CA ASP A 69 -9.73 -7.37 6.46
C ASP A 69 -8.88 -8.40 5.72
N GLN A 70 -7.93 -7.92 4.92
CA GLN A 70 -7.05 -8.79 4.16
C GLN A 70 -6.10 -9.54 5.10
N VAL A 71 -5.74 -8.90 6.20
CA VAL A 71 -4.84 -9.49 7.18
C VAL A 71 -5.61 -10.27 8.24
N LEU A 72 -6.78 -9.74 8.61
CA LEU A 72 -7.63 -10.37 9.62
C LEU A 72 -8.01 -11.78 9.19
N SER A 73 -8.11 -11.99 7.87
CA SER A 73 -8.48 -13.30 7.34
C SER A 73 -7.29 -14.25 7.36
N VAL A 74 -6.09 -13.68 7.33
CA VAL A 74 -4.87 -14.49 7.36
C VAL A 74 -4.83 -15.38 8.60
N LEU A 75 -5.42 -14.88 9.68
CA LEU A 75 -5.46 -15.64 10.93
C LEU A 75 -6.12 -17.00 10.71
N LYS A 76 -6.94 -17.09 9.66
CA LYS A 76 -7.63 -18.34 9.34
C LYS A 76 -8.40 -18.19 8.04
N GLY A 77 -7.97 -18.93 7.03
CA GLY A 77 -8.62 -18.88 5.74
C GLY A 77 -7.72 -18.28 4.68
N GLU A 78 -6.55 -17.79 5.10
CA GLU A 78 -5.59 -17.18 4.19
C GLU A 78 -6.27 -16.25 3.20
N GLU A 79 -7.35 -15.63 3.63
CA GLU A 79 -8.10 -14.71 2.78
C GLU A 79 -7.69 -13.26 3.07
N THR A 13 26.32 -14.36 -9.74
CA THR A 13 26.51 -12.97 -9.26
C THR A 13 27.36 -12.91 -8.00
N PHE A 14 26.73 -13.20 -6.85
CA PHE A 14 27.42 -13.18 -5.57
C PHE A 14 27.50 -11.76 -5.01
N LEU A 15 27.85 -10.82 -5.87
CA LEU A 15 27.95 -9.42 -5.46
C LEU A 15 26.57 -8.79 -5.42
N THR A 16 25.68 -9.24 -6.31
CA THR A 16 24.32 -8.72 -6.37
C THR A 16 23.52 -9.17 -5.15
N GLN A 17 23.89 -10.31 -4.58
CA GLN A 17 23.19 -10.83 -3.42
C GLN A 17 23.31 -9.85 -2.25
N VAL A 18 24.55 -9.44 -1.95
CA VAL A 18 24.78 -8.49 -0.87
C VAL A 18 24.09 -7.17 -1.19
N LYS A 19 24.07 -6.83 -2.47
CA LYS A 19 23.43 -5.60 -2.91
C LYS A 19 21.97 -5.60 -2.45
N GLU A 20 21.42 -6.79 -2.24
CA GLU A 20 20.05 -6.92 -1.77
C GLU A 20 19.98 -6.66 -0.27
N SER A 21 21.11 -6.86 0.40
CA SER A 21 21.22 -6.66 1.84
C SER A 21 21.74 -5.27 2.16
N LEU A 22 22.89 -4.92 1.58
CA LEU A 22 23.48 -3.61 1.81
C LEU A 22 22.53 -2.51 1.35
N SER A 23 21.58 -2.87 0.50
CA SER A 23 20.60 -1.93 0.00
C SER A 23 19.23 -2.17 0.61
N SER A 24 19.09 -3.27 1.36
CA SER A 24 17.81 -3.59 1.99
C SER A 24 17.40 -2.50 2.98
N TYR A 25 18.35 -1.68 3.39
CA TYR A 25 18.07 -0.58 4.31
C TYR A 25 17.94 0.72 3.54
N TRP A 26 18.37 0.70 2.29
CA TRP A 26 18.27 1.87 1.43
C TRP A 26 16.95 1.84 0.68
N GLU A 27 16.43 0.62 0.48
CA GLU A 27 15.16 0.45 -0.21
C GLU A 27 14.00 0.59 0.77
N SER A 28 14.29 0.41 2.06
CA SER A 28 13.28 0.54 3.09
C SER A 28 13.03 2.01 3.41
N ALA A 29 14.11 2.75 3.55
CA ALA A 29 14.03 4.18 3.83
C ALA A 29 13.07 4.85 2.85
N LYS A 30 13.00 4.29 1.64
CA LYS A 30 12.12 4.82 0.60
C LYS A 30 10.72 4.24 0.76
N THR A 31 10.65 3.02 1.29
CA THR A 31 9.37 2.35 1.50
C THR A 31 8.55 3.10 2.56
N ALA A 32 9.24 3.71 3.52
CA ALA A 32 8.58 4.46 4.58
C ALA A 32 8.57 5.96 4.29
N ALA A 33 8.99 6.32 3.08
CA ALA A 33 9.03 7.73 2.69
C ALA A 33 7.72 8.13 2.02
N GLN A 34 7.30 7.34 1.04
CA GLN A 34 6.05 7.61 0.33
C GLN A 34 4.87 7.63 1.29
N ASN A 35 5.04 6.98 2.44
CA ASN A 35 3.99 6.93 3.44
C ASN A 35 3.90 8.24 4.19
N LEU A 36 4.96 8.58 4.92
CA LEU A 36 5.01 9.82 5.68
C LEU A 36 4.81 11.02 4.77
N TYR A 37 5.31 10.93 3.54
CA TYR A 37 5.17 12.01 2.58
C TYR A 37 3.70 12.34 2.31
N GLU A 38 2.83 11.40 2.66
CA GLU A 38 1.40 11.58 2.47
C GLU A 38 0.83 12.60 3.44
N LYS A 39 1.46 12.71 4.61
CA LYS A 39 1.02 13.66 5.63
C LYS A 39 2.07 14.73 5.89
N THR A 40 2.92 14.99 4.89
CA THR A 40 3.95 16.00 5.02
C THR A 40 3.64 17.22 4.16
N TYR A 41 3.88 17.09 2.86
CA TYR A 41 3.63 18.19 1.93
C TYR A 41 2.83 17.73 0.71
N LEU A 42 1.93 16.78 0.93
CA LEU A 42 1.10 16.25 -0.15
C LEU A 42 1.95 15.72 -1.30
N PRO A 43 2.06 14.39 -1.42
CA PRO A 43 2.85 13.74 -2.47
C PRO A 43 2.04 13.53 -3.75
N ALA A 44 0.76 13.88 -3.71
CA ALA A 44 -0.12 13.72 -4.86
C ALA A 44 -0.40 12.25 -5.14
N VAL A 45 -0.02 11.38 -4.20
CA VAL A 45 -0.27 9.95 -4.37
C VAL A 45 -1.74 9.67 -4.15
N ASP A 46 -2.36 10.47 -3.27
CA ASP A 46 -3.78 10.32 -2.98
C ASP A 46 -4.57 10.62 -4.24
N GLU A 47 -3.99 11.41 -5.14
CA GLU A 47 -4.63 11.76 -6.39
C GLU A 47 -3.99 11.01 -7.56
N LYS A 48 -2.78 10.51 -7.35
CA LYS A 48 -2.07 9.77 -8.37
C LYS A 48 -2.28 8.27 -8.22
N LEU A 49 -2.11 7.76 -7.00
CA LEU A 49 -2.30 6.34 -6.74
C LEU A 49 -3.74 5.90 -6.98
N ARG A 50 -4.65 6.88 -7.05
CA ARG A 50 -6.07 6.58 -7.26
C ARG A 50 -6.48 6.85 -8.71
N ASP A 51 -5.81 7.79 -9.35
CA ASP A 51 -6.12 8.15 -10.74
C ASP A 51 -5.17 7.46 -11.72
N LEU A 52 -3.99 7.08 -11.23
CA LEU A 52 -3.00 6.42 -12.08
C LEU A 52 -3.20 4.90 -12.06
N TYR A 53 -4.36 4.46 -11.57
CA TYR A 53 -4.67 3.04 -11.50
C TYR A 53 -5.72 2.68 -12.54
N SER A 54 -6.78 3.47 -12.59
CA SER A 54 -7.86 3.23 -13.55
C SER A 54 -8.50 1.87 -13.34
N LYS A 55 -8.95 1.62 -12.11
CA LYS A 55 -9.57 0.34 -11.77
C LYS A 55 -8.64 -0.83 -12.07
N SER A 56 -7.34 -0.55 -12.15
CA SER A 56 -6.36 -1.59 -12.43
C SER A 56 -6.56 -2.77 -11.48
N THR A 57 -6.79 -2.45 -10.21
CA THR A 57 -7.01 -3.46 -9.19
C THR A 57 -7.95 -2.95 -8.10
N ALA A 58 -8.73 -1.93 -8.44
CA ALA A 58 -9.68 -1.35 -7.50
C ALA A 58 -10.90 -2.24 -7.41
N ALA A 59 -11.35 -2.71 -8.56
CA ALA A 59 -12.50 -3.60 -8.62
C ALA A 59 -12.18 -4.95 -7.99
N MET A 60 -10.90 -5.31 -8.03
CA MET A 60 -10.46 -6.58 -7.46
C MET A 60 -10.60 -6.56 -5.94
N SER A 61 -10.43 -5.38 -5.35
CA SER A 61 -10.54 -5.21 -3.91
C SER A 61 -11.97 -4.82 -3.52
N THR A 62 -12.33 -3.57 -3.82
CA THR A 62 -13.66 -3.06 -3.51
C THR A 62 -13.93 -3.11 -2.02
N TYR A 63 -12.90 -3.45 -1.23
CA TYR A 63 -13.06 -3.53 0.21
C TYR A 63 -13.88 -2.36 0.74
N THR A 64 -13.80 -1.23 0.05
CA THR A 64 -14.57 -0.05 0.44
C THR A 64 -16.03 -0.42 0.65
N GLY A 65 -16.48 -1.47 -0.03
CA GLY A 65 -17.85 -1.91 0.10
C GLY A 65 -18.03 -2.95 1.19
N ILE A 66 -16.92 -3.55 1.65
CA ILE A 66 -16.99 -4.55 2.69
C ILE A 66 -16.43 -4.03 4.02
N PHE A 67 -15.72 -2.91 3.96
CA PHE A 67 -15.14 -2.31 5.16
C PHE A 67 -16.11 -2.36 6.33
N THR A 68 -17.40 -2.28 6.01
CA THR A 68 -18.45 -2.33 7.04
C THR A 68 -19.13 -3.70 7.03
N ASP A 69 -19.11 -4.36 5.88
CA ASP A 69 -19.73 -5.68 5.76
C ASP A 69 -18.91 -6.72 6.52
N GLN A 70 -17.59 -6.59 6.46
CA GLN A 70 -16.70 -7.51 7.16
C GLN A 70 -16.90 -7.40 8.67
N VAL A 71 -17.26 -6.21 9.13
CA VAL A 71 -17.48 -5.97 10.55
C VAL A 71 -18.94 -6.24 10.91
N LEU A 72 -19.85 -5.94 9.99
CA LEU A 72 -21.26 -6.16 10.22
C LEU A 72 -21.55 -7.62 10.51
N SER A 73 -20.77 -8.51 9.90
CA SER A 73 -20.95 -9.94 10.10
C SER A 73 -20.37 -10.38 11.45
N VAL A 74 -19.40 -9.61 11.94
CA VAL A 74 -18.78 -9.92 13.23
C VAL A 74 -19.82 -9.95 14.33
N LEU A 75 -20.86 -9.14 14.18
CA LEU A 75 -21.93 -9.09 15.17
C LEU A 75 -22.54 -10.48 15.38
N LYS A 76 -22.39 -11.34 14.38
CA LYS A 76 -22.91 -12.70 14.45
C LYS A 76 -22.40 -13.53 13.28
N GLY A 77 -21.57 -14.51 13.59
CA GLY A 77 -21.00 -15.36 12.55
C GLY A 77 -19.51 -15.16 12.40
N GLU A 78 -18.97 -14.16 13.12
CA GLU A 78 -17.56 -13.85 13.07
C GLU A 78 -17.03 -13.85 11.64
N GLU A 79 -17.89 -13.49 10.70
CA GLU A 79 -17.53 -13.45 9.29
C GLU A 79 -17.07 -12.05 8.89
N THR A 13 27.22 -14.28 5.55
CA THR A 13 27.59 -13.57 6.81
C THR A 13 27.31 -12.07 6.70
N PHE A 14 28.30 -11.31 6.22
CA PHE A 14 28.14 -9.87 6.06
C PHE A 14 27.27 -9.57 4.85
N LEU A 15 27.23 -10.50 3.91
CA LEU A 15 26.45 -10.32 2.70
C LEU A 15 24.97 -10.68 2.94
N THR A 16 24.75 -11.60 3.88
CA THR A 16 23.39 -12.02 4.22
C THR A 16 22.62 -10.89 4.87
N GLN A 17 23.31 -10.07 5.65
CA GLN A 17 22.68 -8.95 6.33
C GLN A 17 22.10 -7.97 5.30
N VAL A 18 22.93 -7.57 4.34
CA VAL A 18 22.49 -6.65 3.30
C VAL A 18 21.36 -7.27 2.50
N LYS A 19 21.44 -8.59 2.31
CA LYS A 19 20.41 -9.31 1.59
C LYS A 19 19.05 -9.09 2.26
N GLU A 20 19.10 -8.82 3.56
CA GLU A 20 17.87 -8.56 4.32
C GLU A 20 17.44 -7.10 4.17
N SER A 21 18.23 -6.34 3.40
CA SER A 21 17.95 -4.94 3.17
C SER A 21 17.79 -4.66 1.68
N LEU A 22 18.79 -5.06 0.90
CA LEU A 22 18.74 -4.87 -0.54
C LEU A 22 17.49 -5.51 -1.12
N SER A 23 16.94 -6.45 -0.37
CA SER A 23 15.73 -7.15 -0.78
C SER A 23 14.53 -6.66 0.02
N SER A 24 14.79 -6.10 1.21
CA SER A 24 13.73 -5.58 2.06
C SER A 24 13.45 -4.11 1.77
N TYR A 25 14.23 -3.53 0.87
CA TYR A 25 14.06 -2.14 0.49
C TYR A 25 13.62 -2.03 -0.97
N TRP A 26 13.66 -3.15 -1.69
CA TRP A 26 13.25 -3.18 -3.08
C TRP A 26 11.78 -3.58 -3.14
N GLU A 27 11.38 -4.45 -2.22
CA GLU A 27 10.00 -4.91 -2.16
C GLU A 27 9.16 -3.93 -1.34
N SER A 28 9.82 -3.17 -0.49
CA SER A 28 9.15 -2.18 0.34
C SER A 28 8.92 -0.92 -0.47
N ALA A 29 9.94 -0.54 -1.24
CA ALA A 29 9.85 0.65 -2.08
C ALA A 29 8.58 0.62 -2.91
N LYS A 30 8.11 -0.59 -3.22
CA LYS A 30 6.90 -0.77 -4.00
C LYS A 30 5.67 -0.78 -3.09
N THR A 31 5.83 -1.30 -1.87
CA THR A 31 4.73 -1.35 -0.91
C THR A 31 4.44 0.04 -0.37
N ALA A 32 5.44 0.90 -0.37
CA ALA A 32 5.30 2.26 0.13
C ALA A 32 5.44 3.28 -1.00
N ALA A 33 5.22 2.84 -2.23
CA ALA A 33 5.32 3.73 -3.38
C ALA A 33 3.94 4.22 -3.81
N GLN A 34 3.04 3.28 -4.07
CA GLN A 34 1.69 3.62 -4.49
C GLN A 34 0.98 4.42 -3.39
N ASN A 35 1.50 4.33 -2.17
CA ASN A 35 0.93 5.05 -1.04
C ASN A 35 1.23 6.53 -1.14
N LEU A 36 2.52 6.86 -1.15
CA LEU A 36 2.96 8.25 -1.25
C LEU A 36 2.54 8.86 -2.59
N TYR A 37 2.74 8.10 -3.65
CA TYR A 37 2.38 8.56 -5.00
C TYR A 37 0.91 8.94 -5.08
N GLU A 38 0.12 8.40 -4.15
CA GLU A 38 -1.31 8.69 -4.12
C GLU A 38 -1.57 10.09 -3.60
N LYS A 39 -0.96 10.43 -2.47
CA LYS A 39 -1.13 11.74 -1.88
C LYS A 39 0.05 12.65 -2.23
N THR A 40 0.64 12.43 -3.40
CA THR A 40 1.76 13.23 -3.85
C THR A 40 1.79 13.34 -5.37
N TYR A 41 1.56 12.22 -6.03
CA TYR A 41 1.55 12.18 -7.49
C TYR A 41 0.12 12.23 -8.02
N LEU A 42 -0.75 12.92 -7.30
CA LEU A 42 -2.15 13.04 -7.69
C LEU A 42 -2.47 14.46 -8.13
N PRO A 43 -2.34 14.76 -9.43
CA PRO A 43 -2.62 16.09 -9.98
C PRO A 43 -4.09 16.30 -10.32
N ALA A 44 -4.98 15.69 -9.54
CA ALA A 44 -6.41 15.82 -9.76
C ALA A 44 -7.15 16.16 -8.47
N VAL A 45 -6.40 16.41 -7.40
CA VAL A 45 -7.01 16.75 -6.12
C VAL A 45 -7.79 18.05 -6.24
N ASP A 46 -7.35 18.93 -7.13
CA ASP A 46 -8.02 20.20 -7.35
C ASP A 46 -9.30 20.02 -8.15
N GLU A 47 -9.38 18.92 -8.90
CA GLU A 47 -10.55 18.61 -9.70
C GLU A 47 -11.15 17.27 -9.30
N LYS A 48 -10.96 16.89 -8.04
CA LYS A 48 -11.47 15.63 -7.53
C LYS A 48 -11.49 15.63 -6.00
N LEU A 49 -10.32 15.85 -5.40
CA LEU A 49 -10.20 15.88 -3.95
C LEU A 49 -10.88 14.67 -3.32
N ARG A 50 -10.84 13.55 -4.04
CA ARG A 50 -11.46 12.31 -3.56
C ARG A 50 -12.99 12.44 -3.52
N ASP A 51 -13.53 13.28 -4.40
CA ASP A 51 -14.97 13.49 -4.45
C ASP A 51 -15.54 13.04 -5.80
N LEU A 52 -14.71 13.07 -6.83
CA LEU A 52 -15.13 12.66 -8.16
C LEU A 52 -14.91 11.16 -8.38
N TYR A 53 -14.70 10.45 -7.28
CA TYR A 53 -14.47 9.00 -7.34
C TYR A 53 -15.68 8.26 -6.80
N SER A 54 -16.21 8.73 -5.68
CA SER A 54 -17.37 8.12 -5.05
C SER A 54 -17.11 6.64 -4.75
N LYS A 55 -15.99 6.37 -4.10
CA LYS A 55 -15.62 5.00 -3.77
C LYS A 55 -15.48 4.15 -5.01
N SER A 56 -15.32 4.80 -6.16
CA SER A 56 -15.17 4.09 -7.44
C SER A 56 -14.06 3.07 -7.35
N THR A 57 -12.92 3.51 -6.81
CA THR A 57 -11.76 2.64 -6.64
C THR A 57 -10.98 3.01 -5.39
N ALA A 58 -11.64 3.68 -4.46
CA ALA A 58 -11.01 4.07 -3.21
C ALA A 58 -10.95 2.89 -2.26
N ALA A 59 -12.03 2.12 -2.24
CA ALA A 59 -12.11 0.94 -1.39
C ALA A 59 -11.23 -0.18 -1.96
N MET A 60 -10.94 -0.12 -3.25
CA MET A 60 -10.12 -1.12 -3.90
C MET A 60 -8.63 -0.88 -3.62
N SER A 61 -8.29 0.37 -3.31
CA SER A 61 -6.90 0.72 -3.01
C SER A 61 -6.72 1.00 -1.52
N THR A 62 -7.45 0.26 -0.70
CA THR A 62 -7.37 0.41 0.75
C THR A 62 -6.58 -0.72 1.38
N TYR A 63 -6.34 -1.78 0.60
CA TYR A 63 -5.60 -2.93 1.08
C TYR A 63 -4.33 -2.49 1.81
N THR A 64 -3.82 -1.32 1.43
CA THR A 64 -2.62 -0.78 2.06
C THR A 64 -2.75 -0.84 3.58
N GLY A 65 -3.98 -0.80 4.07
CA GLY A 65 -4.23 -0.86 5.49
C GLY A 65 -4.84 -2.19 5.93
N ILE A 66 -5.26 -3.00 4.96
CA ILE A 66 -5.86 -4.29 5.24
C ILE A 66 -4.86 -5.42 5.02
N PHE A 67 -3.73 -5.12 4.38
CA PHE A 67 -2.70 -6.12 4.11
C PHE A 67 -2.48 -7.02 5.32
N THR A 68 -2.67 -6.46 6.51
CA THR A 68 -2.49 -7.20 7.74
C THR A 68 -3.84 -7.56 8.36
N ASP A 69 -4.86 -6.75 8.04
CA ASP A 69 -6.20 -6.99 8.56
C ASP A 69 -6.83 -8.21 7.89
N GLN A 70 -6.55 -8.36 6.60
CA GLN A 70 -7.08 -9.49 5.84
C GLN A 70 -6.48 -10.80 6.34
N VAL A 71 -5.25 -10.73 6.84
CA VAL A 71 -4.58 -11.92 7.36
C VAL A 71 -5.00 -12.19 8.80
N LEU A 72 -5.07 -11.13 9.60
CA LEU A 72 -5.45 -11.25 11.00
C LEU A 72 -6.86 -11.83 11.13
N SER A 73 -7.68 -11.59 10.10
CA SER A 73 -9.05 -12.09 10.09
C SER A 73 -9.09 -13.57 9.74
N VAL A 74 -8.05 -14.05 9.06
CA VAL A 74 -7.97 -15.45 8.67
C VAL A 74 -8.03 -16.36 9.89
N LEU A 75 -7.52 -15.86 11.02
CA LEU A 75 -7.54 -16.63 12.26
C LEU A 75 -8.96 -17.05 12.60
N LYS A 76 -9.94 -16.31 12.09
CA LYS A 76 -11.35 -16.61 12.33
C LYS A 76 -12.24 -15.64 11.58
N GLY A 77 -13.01 -16.17 10.63
CA GLY A 77 -13.89 -15.34 9.84
C GLY A 77 -13.47 -15.29 8.38
N GLU A 78 -12.29 -15.83 8.09
CA GLU A 78 -11.75 -15.85 6.73
C GLU A 78 -11.94 -14.50 6.04
N GLU A 79 -11.92 -13.43 6.82
CA GLU A 79 -12.10 -12.09 6.29
C GLU A 79 -10.74 -11.47 5.91
N THR A 13 22.83 -16.92 -11.13
CA THR A 13 21.50 -16.52 -11.64
C THR A 13 21.52 -15.11 -12.20
N PHE A 14 20.82 -14.91 -13.31
CA PHE A 14 20.75 -13.60 -13.95
C PHE A 14 19.37 -12.98 -13.73
N LEU A 15 18.35 -13.83 -13.79
CA LEU A 15 16.98 -13.37 -13.59
C LEU A 15 16.64 -13.33 -12.11
N THR A 16 17.31 -14.17 -11.33
CA THR A 16 17.08 -14.22 -9.89
C THR A 16 17.75 -13.04 -9.20
N GLN A 17 18.84 -12.55 -9.80
CA GLN A 17 19.55 -11.41 -9.24
C GLN A 17 18.65 -10.18 -9.23
N VAL A 18 18.06 -9.87 -10.39
CA VAL A 18 17.17 -8.73 -10.50
C VAL A 18 15.99 -8.91 -9.58
N LYS A 19 15.53 -10.15 -9.45
CA LYS A 19 14.41 -10.46 -8.58
C LYS A 19 14.71 -9.97 -7.16
N GLU A 20 15.99 -9.88 -6.83
CA GLU A 20 16.41 -9.41 -5.52
C GLU A 20 16.33 -7.88 -5.46
N SER A 21 16.29 -7.25 -6.62
CA SER A 21 16.21 -5.80 -6.71
C SER A 21 14.80 -5.35 -7.07
N LEU A 22 14.25 -5.89 -8.15
CA LEU A 22 12.90 -5.54 -8.58
C LEU A 22 11.91 -5.84 -7.46
N SER A 23 12.31 -6.72 -6.55
CA SER A 23 11.48 -7.09 -5.41
C SER A 23 11.89 -6.32 -4.16
N SER A 24 13.12 -5.81 -4.16
CA SER A 24 13.62 -5.05 -3.02
C SER A 24 13.26 -3.57 -3.14
N TYR A 25 12.62 -3.21 -4.25
CA TYR A 25 12.21 -1.84 -4.47
C TYR A 25 10.68 -1.76 -4.58
N TRP A 26 10.03 -2.92 -4.60
CA TRP A 26 8.58 -2.98 -4.68
C TRP A 26 8.00 -3.08 -3.28
N GLU A 27 8.75 -3.73 -2.39
CA GLU A 27 8.33 -3.88 -1.01
C GLU A 27 8.75 -2.66 -0.19
N SER A 28 9.73 -1.93 -0.68
CA SER A 28 10.21 -0.74 -0.01
C SER A 28 9.33 0.44 -0.37
N ALA A 29 8.98 0.53 -1.65
CA ALA A 29 8.11 1.60 -2.12
C ALA A 29 6.84 1.67 -1.28
N LYS A 30 6.46 0.54 -0.70
CA LYS A 30 5.27 0.47 0.14
C LYS A 30 5.63 0.74 1.60
N THR A 31 6.87 0.42 1.99
CA THR A 31 7.31 0.64 3.35
C THR A 31 7.62 2.12 3.59
N ALA A 32 7.96 2.83 2.52
CA ALA A 32 8.27 4.25 2.62
C ALA A 32 7.28 5.09 1.81
N ALA A 33 6.09 4.54 1.57
CA ALA A 33 5.06 5.24 0.82
C ALA A 33 4.12 5.99 1.76
N GLN A 34 3.50 5.25 2.67
CA GLN A 34 2.57 5.84 3.63
C GLN A 34 3.26 6.91 4.46
N ASN A 35 4.59 6.85 4.53
CA ASN A 35 5.36 7.83 5.27
C ASN A 35 5.49 9.13 4.49
N LEU A 36 6.11 9.04 3.33
CA LEU A 36 6.30 10.22 2.48
C LEU A 36 4.96 10.83 2.08
N TYR A 37 3.97 9.98 1.87
CA TYR A 37 2.64 10.44 1.49
C TYR A 37 1.95 11.19 2.63
N GLU A 38 2.53 11.08 3.83
CA GLU A 38 1.97 11.75 5.00
C GLU A 38 2.76 13.01 5.35
N LYS A 39 3.79 13.31 4.56
CA LYS A 39 4.61 14.50 4.79
C LYS A 39 5.17 15.04 3.48
N THR A 40 4.47 14.79 2.39
CA THR A 40 4.89 15.26 1.07
C THR A 40 3.76 15.97 0.34
N TYR A 41 2.67 15.24 0.13
CA TYR A 41 1.50 15.78 -0.55
C TYR A 41 0.30 15.84 0.38
N LEU A 42 0.56 16.02 1.67
CA LEU A 42 -0.49 16.08 2.68
C LEU A 42 0.10 16.12 4.09
N PRO A 43 0.46 17.32 4.58
CA PRO A 43 1.05 17.49 5.91
C PRO A 43 0.00 17.63 7.01
N ALA A 44 -1.10 16.90 6.87
CA ALA A 44 -2.17 16.94 7.87
C ALA A 44 -2.85 15.59 8.03
N VAL A 45 -2.19 14.54 7.54
CA VAL A 45 -2.73 13.19 7.67
C VAL A 45 -2.54 12.68 9.08
N ASP A 46 -1.43 13.09 9.69
CA ASP A 46 -1.12 12.70 11.06
C ASP A 46 -2.11 13.36 12.02
N GLU A 47 -2.72 14.46 11.58
CA GLU A 47 -3.69 15.17 12.39
C GLU A 47 -5.09 15.06 11.80
N LYS A 48 -5.23 14.24 10.75
CA LYS A 48 -6.52 14.04 10.11
C LYS A 48 -6.82 12.56 9.94
N LEU A 49 -5.84 11.81 9.43
CA LEU A 49 -6.02 10.38 9.23
C LEU A 49 -5.90 9.61 10.56
N ARG A 50 -5.60 10.33 11.63
CA ARG A 50 -5.44 9.72 12.94
C ARG A 50 -6.54 10.16 13.90
N ASP A 51 -7.21 11.27 13.59
CA ASP A 51 -8.27 11.77 14.45
C ASP A 51 -9.50 12.21 13.66
N LEU A 52 -9.27 12.88 12.53
CA LEU A 52 -10.37 13.35 11.70
C LEU A 52 -10.84 12.27 10.72
N TYR A 53 -10.42 11.03 10.96
CA TYR A 53 -10.80 9.92 10.10
C TYR A 53 -11.16 8.70 10.95
N SER A 54 -10.35 8.42 11.95
CA SER A 54 -10.59 7.28 12.84
C SER A 54 -10.78 5.99 12.05
N LYS A 55 -9.98 5.82 11.01
CA LYS A 55 -10.06 4.63 10.17
C LYS A 55 -11.50 4.42 9.69
N SER A 56 -12.29 5.50 9.68
CA SER A 56 -13.67 5.43 9.24
C SER A 56 -13.73 4.90 7.81
N THR A 57 -13.03 5.57 6.92
CA THR A 57 -12.98 5.17 5.52
C THR A 57 -11.55 5.14 5.00
N ALA A 58 -10.59 5.11 5.91
CA ALA A 58 -9.19 5.04 5.53
C ALA A 58 -8.87 3.65 5.03
N ALA A 59 -9.30 2.65 5.79
CA ALA A 59 -9.08 1.26 5.42
C ALA A 59 -10.09 0.84 4.35
N MET A 60 -11.17 1.61 4.22
CA MET A 60 -12.20 1.31 3.23
C MET A 60 -11.90 2.00 1.91
N SER A 61 -11.09 3.05 1.95
CA SER A 61 -10.72 3.79 0.75
C SER A 61 -9.44 3.25 0.13
N THR A 62 -9.05 2.04 0.53
CA THR A 62 -7.84 1.42 0.00
C THR A 62 -8.18 0.51 -1.17
N TYR A 63 -9.47 0.18 -1.30
CA TYR A 63 -9.94 -0.68 -2.38
C TYR A 63 -9.36 -0.22 -3.71
N THR A 64 -9.05 1.07 -3.81
CA THR A 64 -8.46 1.63 -5.02
C THR A 64 -7.29 0.78 -5.48
N GLY A 65 -6.64 0.10 -4.53
CA GLY A 65 -5.51 -0.74 -4.85
C GLY A 65 -5.81 -2.22 -4.66
N ILE A 66 -6.99 -2.53 -4.11
CA ILE A 66 -7.38 -3.92 -3.88
C ILE A 66 -8.44 -4.36 -4.88
N PHE A 67 -9.01 -3.40 -5.61
CA PHE A 67 -10.04 -3.71 -6.60
C PHE A 67 -9.67 -4.93 -7.43
N THR A 68 -8.36 -5.12 -7.62
CA THR A 68 -7.85 -6.25 -8.39
C THR A 68 -7.29 -7.32 -7.45
N ASP A 69 -6.85 -6.90 -6.28
CA ASP A 69 -6.29 -7.81 -5.29
C ASP A 69 -7.40 -8.68 -4.69
N GLN A 70 -8.56 -8.09 -4.48
CA GLN A 70 -9.70 -8.81 -3.93
C GLN A 70 -10.16 -9.90 -4.89
N VAL A 71 -9.98 -9.65 -6.18
CA VAL A 71 -10.38 -10.61 -7.21
C VAL A 71 -9.28 -11.63 -7.44
N LEU A 72 -8.04 -11.16 -7.53
CA LEU A 72 -6.89 -12.03 -7.74
C LEU A 72 -6.78 -13.07 -6.64
N SER A 73 -7.32 -12.74 -5.47
CA SER A 73 -7.28 -13.65 -4.32
C SER A 73 -8.32 -14.75 -4.47
N VAL A 74 -9.38 -14.46 -5.23
CA VAL A 74 -10.45 -15.42 -5.45
C VAL A 74 -9.91 -16.71 -6.08
N LEU A 75 -8.84 -16.56 -6.87
CA LEU A 75 -8.22 -17.72 -7.50
C LEU A 75 -7.81 -18.75 -6.46
N LYS A 76 -7.60 -18.28 -5.23
CA LYS A 76 -7.22 -19.17 -4.13
C LYS A 76 -7.58 -18.54 -2.79
N GLY A 77 -8.57 -19.14 -2.13
CA GLY A 77 -9.02 -18.63 -0.85
C GLY A 77 -10.40 -18.02 -0.96
N GLU A 78 -10.91 -17.92 -2.19
CA GLU A 78 -12.24 -17.36 -2.43
C GLU A 78 -12.47 -16.09 -1.62
N GLU A 79 -11.39 -15.35 -1.36
CA GLU A 79 -11.45 -14.11 -0.60
C GLU A 79 -12.33 -14.26 0.64
N THR A 13 30.81 -7.86 3.44
CA THR A 13 30.40 -6.53 3.96
C THR A 13 29.77 -6.64 5.35
N PHE A 14 30.11 -5.69 6.22
CA PHE A 14 29.59 -5.67 7.57
C PHE A 14 28.61 -4.51 7.74
N LEU A 15 28.92 -3.40 7.09
CA LEU A 15 28.06 -2.22 7.16
C LEU A 15 26.94 -2.31 6.13
N THR A 16 27.20 -3.04 5.05
CA THR A 16 26.20 -3.22 3.99
C THR A 16 25.11 -4.18 4.43
N GLN A 17 25.47 -5.12 5.30
CA GLN A 17 24.51 -6.09 5.80
C GLN A 17 23.40 -5.38 6.57
N VAL A 18 23.78 -4.55 7.52
CA VAL A 18 22.81 -3.80 8.31
C VAL A 18 22.01 -2.89 7.40
N LYS A 19 22.67 -2.36 6.39
CA LYS A 19 22.03 -1.49 5.43
C LYS A 19 20.81 -2.19 4.82
N GLU A 20 20.87 -3.52 4.81
CA GLU A 20 19.77 -4.32 4.28
C GLU A 20 18.64 -4.39 5.30
N SER A 21 18.98 -4.18 6.56
CA SER A 21 18.01 -4.22 7.64
C SER A 21 17.53 -2.82 7.99
N LEU A 22 18.46 -1.92 8.27
CA LEU A 22 18.12 -0.54 8.61
C LEU A 22 17.38 0.12 7.45
N SER A 23 17.52 -0.46 6.27
CA SER A 23 16.86 0.07 5.08
C SER A 23 15.83 -0.93 4.53
N SER A 24 15.68 -2.07 5.20
CA SER A 24 14.73 -3.09 4.78
C SER A 24 13.31 -2.52 4.75
N TYR A 25 13.09 -1.44 5.49
CA TYR A 25 11.78 -0.79 5.53
C TYR A 25 11.73 0.36 4.54
N TRP A 26 12.91 0.78 4.08
CA TRP A 26 13.01 1.85 3.11
C TRP A 26 13.03 1.26 1.71
N GLU A 27 13.50 0.02 1.61
CA GLU A 27 13.56 -0.69 0.35
C GLU A 27 12.22 -1.36 0.05
N SER A 28 11.45 -1.62 1.11
CA SER A 28 10.16 -2.25 0.97
C SER A 28 9.12 -1.22 0.52
N ALA A 29 9.15 -0.06 1.15
CA ALA A 29 8.23 1.01 0.81
C ALA A 29 8.25 1.26 -0.69
N LYS A 30 9.39 0.97 -1.31
CA LYS A 30 9.55 1.14 -2.75
C LYS A 30 9.07 -0.11 -3.49
N THR A 31 9.20 -1.27 -2.85
CA THR A 31 8.79 -2.53 -3.44
C THR A 31 7.26 -2.61 -3.53
N ALA A 32 6.58 -1.97 -2.57
CA ALA A 32 5.13 -1.97 -2.55
C ALA A 32 4.56 -0.62 -2.95
N ALA A 33 5.39 0.20 -3.61
CA ALA A 33 4.97 1.52 -4.06
C ALA A 33 4.51 1.47 -5.51
N GLN A 34 5.35 0.89 -6.37
CA GLN A 34 5.03 0.77 -7.78
C GLN A 34 3.74 -0.01 -7.99
N ASN A 35 3.39 -0.83 -7.00
CA ASN A 35 2.18 -1.64 -7.06
C ASN A 35 0.95 -0.79 -6.79
N LEU A 36 0.88 -0.26 -5.57
CA LEU A 36 -0.25 0.58 -5.17
C LEU A 36 -0.37 1.80 -6.08
N TYR A 37 0.77 2.28 -6.57
CA TYR A 37 0.80 3.44 -7.45
C TYR A 37 0.19 3.11 -8.82
N GLU A 38 -0.01 1.83 -9.08
CA GLU A 38 -0.57 1.38 -10.36
C GLU A 38 -2.09 1.35 -10.29
N LYS A 39 -2.64 1.11 -9.11
CA LYS A 39 -4.09 1.05 -8.92
C LYS A 39 -4.62 2.37 -8.36
N THR A 40 -3.82 3.42 -8.44
CA THR A 40 -4.24 4.73 -7.94
C THR A 40 -3.96 5.83 -8.96
N TYR A 41 -2.86 5.68 -9.68
CA TYR A 41 -2.48 6.66 -10.70
C TYR A 41 -2.93 6.23 -12.08
N LEU A 42 -4.05 5.51 -12.14
CA LEU A 42 -4.60 5.03 -13.39
C LEU A 42 -4.94 6.20 -14.32
N PRO A 43 -5.29 5.90 -15.59
CA PRO A 43 -5.63 6.94 -16.58
C PRO A 43 -6.87 7.74 -16.19
N ALA A 44 -7.57 7.29 -15.15
CA ALA A 44 -8.77 7.98 -14.68
C ALA A 44 -8.45 8.99 -13.59
N VAL A 45 -7.21 8.99 -13.15
CA VAL A 45 -6.77 9.93 -12.12
C VAL A 45 -6.88 11.35 -12.63
N ASP A 46 -6.82 11.50 -13.96
CA ASP A 46 -6.93 12.80 -14.60
C ASP A 46 -8.38 13.28 -14.62
N GLU A 47 -9.31 12.33 -14.53
CA GLU A 47 -10.73 12.66 -14.53
C GLU A 47 -11.40 12.13 -13.27
N LYS A 48 -10.64 12.07 -12.19
CA LYS A 48 -11.15 11.58 -10.91
C LYS A 48 -10.21 11.94 -9.78
N LEU A 49 -8.96 11.49 -9.88
CA LEU A 49 -7.96 11.76 -8.85
C LEU A 49 -8.52 11.52 -7.46
N ARG A 50 -9.30 10.45 -7.33
CA ARG A 50 -9.91 10.10 -6.04
C ARG A 50 -10.86 11.20 -5.57
N ASP A 51 -11.49 11.87 -6.52
CA ASP A 51 -12.43 12.93 -6.21
C ASP A 51 -13.87 12.51 -6.50
N LEU A 52 -14.03 11.54 -7.39
CA LEU A 52 -15.35 11.04 -7.75
C LEU A 52 -15.77 9.89 -6.82
N TYR A 53 -15.05 9.73 -5.72
CA TYR A 53 -15.34 8.68 -4.76
C TYR A 53 -16.00 9.26 -3.50
N SER A 54 -15.45 10.38 -3.03
CA SER A 54 -15.98 11.05 -1.85
C SER A 54 -16.17 10.06 -0.71
N LYS A 55 -15.31 9.06 -0.64
CA LYS A 55 -15.38 8.04 0.40
C LYS A 55 -16.77 7.39 0.42
N SER A 56 -17.49 7.53 -0.69
CA SER A 56 -18.82 6.95 -0.79
C SER A 56 -18.73 5.43 -0.71
N THR A 57 -18.07 4.84 -1.69
CA THR A 57 -17.88 3.40 -1.75
C THR A 57 -16.42 3.06 -2.02
N ALA A 58 -15.54 4.01 -1.79
CA ALA A 58 -14.11 3.80 -2.00
C ALA A 58 -13.55 2.96 -0.87
N ALA A 59 -14.01 3.26 0.34
CA ALA A 59 -13.57 2.52 1.51
C ALA A 59 -14.30 1.18 1.61
N MET A 60 -15.46 1.08 0.95
CA MET A 60 -16.24 -0.15 0.96
C MET A 60 -15.74 -1.11 -0.12
N SER A 61 -15.14 -0.57 -1.17
CA SER A 61 -14.63 -1.38 -2.27
C SER A 61 -13.11 -1.39 -2.26
N THR A 62 -12.52 -1.36 -1.07
CA THR A 62 -11.07 -1.37 -0.93
C THR A 62 -10.56 -2.74 -0.50
N TYR A 63 -11.47 -3.58 -0.01
CA TYR A 63 -11.12 -4.92 0.44
C TYR A 63 -10.21 -5.61 -0.57
N THR A 64 -10.35 -5.23 -1.84
CA THR A 64 -9.54 -5.80 -2.89
C THR A 64 -8.06 -5.77 -2.51
N GLY A 65 -7.70 -4.82 -1.66
CA GLY A 65 -6.32 -4.70 -1.22
C GLY A 65 -6.16 -4.92 0.28
N ILE A 66 -7.27 -5.20 0.97
CA ILE A 66 -7.25 -5.42 2.40
C ILE A 66 -7.61 -6.87 2.74
N PHE A 67 -8.10 -7.61 1.74
CA PHE A 67 -8.48 -9.00 1.94
C PHE A 67 -7.43 -9.75 2.76
N THR A 68 -6.17 -9.32 2.62
CA THR A 68 -5.07 -9.94 3.34
C THR A 68 -4.56 -9.02 4.45
N ASP A 69 -4.79 -7.72 4.29
CA ASP A 69 -4.35 -6.75 5.27
C ASP A 69 -5.24 -6.81 6.51
N GLN A 70 -6.52 -7.05 6.28
CA GLN A 70 -7.48 -7.14 7.39
C GLN A 70 -7.20 -8.37 8.24
N VAL A 71 -6.69 -9.42 7.61
CA VAL A 71 -6.37 -10.66 8.31
C VAL A 71 -4.98 -10.59 8.91
N LEU A 72 -4.03 -10.04 8.16
CA LEU A 72 -2.65 -9.91 8.62
C LEU A 72 -2.59 -9.08 9.90
N SER A 73 -3.54 -8.18 10.06
CA SER A 73 -3.60 -7.31 11.23
C SER A 73 -4.17 -8.06 12.43
N VAL A 74 -5.04 -9.03 12.16
CA VAL A 74 -5.66 -9.81 13.22
C VAL A 74 -4.59 -10.51 14.07
N LEU A 75 -3.48 -10.85 13.44
CA LEU A 75 -2.38 -11.50 14.13
C LEU A 75 -1.87 -10.63 15.26
N LYS A 76 -2.09 -9.33 15.14
CA LYS A 76 -1.66 -8.37 16.16
C LYS A 76 -2.08 -6.96 15.79
N GLY A 77 -2.96 -6.39 16.61
CA GLY A 77 -3.45 -5.05 16.35
C GLY A 77 -4.93 -5.04 16.02
N GLU A 78 -5.50 -6.23 15.84
CA GLU A 78 -6.92 -6.37 15.52
C GLU A 78 -7.36 -5.36 14.46
N GLU A 79 -6.42 -5.01 13.57
CA GLU A 79 -6.71 -4.06 12.50
C GLU A 79 -7.17 -4.77 11.24
N THR A 13 19.56 -11.95 -17.38
CA THR A 13 20.24 -11.30 -18.54
C THR A 13 19.39 -10.15 -19.09
N PHE A 14 18.49 -10.46 -20.03
CA PHE A 14 17.63 -9.45 -20.62
C PHE A 14 16.50 -9.10 -19.66
N LEU A 15 16.16 -10.03 -18.78
CA LEU A 15 15.09 -9.82 -17.81
C LEU A 15 15.61 -9.07 -16.59
N THR A 16 16.91 -9.21 -16.32
CA THR A 16 17.53 -8.55 -15.19
C THR A 16 17.59 -7.03 -15.40
N GLN A 17 17.68 -6.63 -16.66
CA GLN A 17 17.73 -5.21 -16.99
C GLN A 17 16.46 -4.51 -16.53
N VAL A 18 15.31 -5.05 -16.95
CA VAL A 18 14.03 -4.47 -16.56
C VAL A 18 13.87 -4.54 -15.06
N LYS A 19 14.40 -5.61 -14.47
CA LYS A 19 14.34 -5.78 -13.02
C LYS A 19 14.95 -4.57 -12.34
N GLU A 20 15.84 -3.88 -13.05
CA GLU A 20 16.48 -2.68 -12.50
C GLU A 20 15.53 -1.49 -12.61
N SER A 21 14.58 -1.59 -13.54
CA SER A 21 13.60 -0.53 -13.75
C SER A 21 12.31 -0.83 -13.00
N LEU A 22 11.74 -2.01 -13.23
CA LEU A 22 10.52 -2.39 -12.55
C LEU A 22 10.70 -2.38 -11.05
N SER A 23 11.96 -2.43 -10.61
CA SER A 23 12.28 -2.41 -9.19
C SER A 23 12.81 -1.04 -8.78
N SER A 24 13.14 -0.20 -9.76
CA SER A 24 13.67 1.14 -9.48
C SER A 24 12.65 1.97 -8.69
N TYR A 25 11.39 1.56 -8.75
CA TYR A 25 10.33 2.26 -8.03
C TYR A 25 9.99 1.52 -6.74
N TRP A 26 10.49 0.29 -6.63
CA TRP A 26 10.28 -0.51 -5.45
C TRP A 26 11.41 -0.27 -4.46
N GLU A 27 12.56 0.15 -5.00
CA GLU A 27 13.71 0.45 -4.17
C GLU A 27 13.62 1.86 -3.60
N SER A 28 12.82 2.70 -4.25
CA SER A 28 12.64 4.07 -3.79
C SER A 28 11.69 4.12 -2.62
N ALA A 29 10.57 3.42 -2.76
CA ALA A 29 9.57 3.36 -1.71
C ALA A 29 10.23 2.99 -0.38
N LYS A 30 11.32 2.25 -0.46
CA LYS A 30 12.07 1.84 0.72
C LYS A 30 13.04 2.92 1.12
N THR A 31 13.52 3.69 0.13
CA THR A 31 14.46 4.77 0.39
C THR A 31 13.82 5.83 1.27
N ALA A 32 12.51 6.01 1.11
CA ALA A 32 11.77 7.00 1.90
C ALA A 32 11.01 6.33 3.04
N ALA A 33 11.43 5.12 3.40
CA ALA A 33 10.80 4.39 4.49
C ALA A 33 11.70 4.38 5.72
N GLN A 34 12.99 4.15 5.50
CA GLN A 34 13.96 4.12 6.59
C GLN A 34 14.14 5.52 7.17
N ASN A 35 13.78 6.53 6.38
CA ASN A 35 13.90 7.91 6.82
C ASN A 35 12.81 8.26 7.82
N LEU A 36 11.56 8.13 7.38
CA LEU A 36 10.41 8.42 8.23
C LEU A 36 10.39 7.50 9.43
N TYR A 37 10.68 6.22 9.21
CA TYR A 37 10.70 5.24 10.29
C TYR A 37 11.78 5.56 11.32
N GLU A 38 12.71 6.42 10.94
CA GLU A 38 13.81 6.80 11.83
C GLU A 38 13.38 7.96 12.74
N LYS A 39 12.33 8.67 12.36
CA LYS A 39 11.84 9.80 13.14
C LYS A 39 10.57 9.43 13.90
N THR A 40 10.27 8.14 13.99
CA THR A 40 9.08 7.68 14.69
C THR A 40 9.00 6.15 14.76
N TYR A 41 9.55 5.50 13.74
CA TYR A 41 9.56 4.06 13.67
C TYR A 41 8.18 3.48 14.01
N LEU A 42 7.15 4.25 13.69
CA LEU A 42 5.77 3.83 13.96
C LEU A 42 4.80 4.58 13.05
N PRO A 43 3.89 3.87 12.38
CA PRO A 43 2.90 4.47 11.49
C PRO A 43 1.69 5.01 12.25
N ALA A 44 1.94 5.83 13.26
CA ALA A 44 0.87 6.41 14.07
C ALA A 44 0.03 5.34 14.74
N VAL A 45 0.58 4.12 14.84
CA VAL A 45 -0.13 3.02 15.48
C VAL A 45 -0.24 3.26 16.97
N ASP A 46 0.75 3.94 17.54
CA ASP A 46 0.77 4.24 18.96
C ASP A 46 -0.17 5.40 19.28
N GLU A 47 -0.48 6.21 18.27
CA GLU A 47 -1.37 7.35 18.44
C GLU A 47 -2.53 7.30 17.46
N LYS A 48 -2.95 6.08 17.10
CA LYS A 48 -4.05 5.89 16.18
C LYS A 48 -4.46 4.43 16.10
N LEU A 49 -3.53 3.57 15.68
CA LEU A 49 -3.80 2.14 15.57
C LEU A 49 -5.10 1.89 14.81
N ARG A 50 -5.43 2.80 13.90
CA ARG A 50 -6.65 2.69 13.11
C ARG A 50 -7.88 2.82 14.00
N ASP A 51 -7.76 3.64 15.05
CA ASP A 51 -8.86 3.86 15.97
C ASP A 51 -9.39 5.29 15.90
N LEU A 52 -8.58 6.18 15.34
CA LEU A 52 -8.97 7.59 15.22
C LEU A 52 -9.61 7.86 13.86
N TYR A 53 -10.09 6.80 13.21
CA TYR A 53 -10.74 6.93 11.92
C TYR A 53 -12.14 6.31 11.95
N SER A 54 -12.22 5.09 12.45
CA SER A 54 -13.49 4.38 12.54
C SER A 54 -14.14 4.22 11.17
N LYS A 55 -13.36 3.70 10.23
CA LYS A 55 -13.86 3.50 8.87
C LYS A 55 -14.38 4.81 8.29
N SER A 56 -13.93 5.92 8.83
CA SER A 56 -14.34 7.25 8.36
C SER A 56 -14.08 7.39 6.87
N THR A 57 -12.86 7.06 6.47
CA THR A 57 -12.48 7.14 5.06
C THR A 57 -11.46 6.06 4.72
N ALA A 58 -11.43 5.00 5.52
CA ALA A 58 -10.51 3.90 5.29
C ALA A 58 -11.08 2.96 4.23
N ALA A 59 -12.39 2.76 4.28
CA ALA A 59 -13.07 1.92 3.33
C ALA A 59 -13.28 2.64 2.00
N MET A 60 -13.20 3.97 2.03
CA MET A 60 -13.38 4.78 0.83
C MET A 60 -12.06 4.91 0.06
N SER A 61 -10.95 4.83 0.77
CA SER A 61 -9.63 4.94 0.15
C SER A 61 -8.94 3.58 0.10
N THR A 62 -9.73 2.53 -0.06
CA THR A 62 -9.19 1.17 -0.12
C THR A 62 -9.19 0.64 -1.56
N TYR A 63 -9.96 1.31 -2.43
CA TYR A 63 -10.05 0.91 -3.83
C TYR A 63 -8.67 0.64 -4.40
N THR A 64 -7.66 1.32 -3.86
CA THR A 64 -6.29 1.13 -4.32
C THR A 64 -5.93 -0.34 -4.35
N GLY A 65 -6.60 -1.12 -3.50
CA GLY A 65 -6.35 -2.55 -3.44
C GLY A 65 -7.58 -3.37 -3.80
N ILE A 66 -8.67 -2.68 -4.17
CA ILE A 66 -9.91 -3.36 -4.54
C ILE A 66 -10.25 -3.12 -6.00
N PHE A 67 -9.54 -2.19 -6.65
CA PHE A 67 -9.78 -1.87 -8.05
C PHE A 67 -9.97 -3.15 -8.88
N THR A 68 -9.30 -4.22 -8.45
CA THR A 68 -9.38 -5.50 -9.14
C THR A 68 -10.17 -6.51 -8.30
N ASP A 69 -10.23 -6.27 -7.00
CA ASP A 69 -10.96 -7.16 -6.09
C ASP A 69 -12.46 -6.95 -6.25
N GLN A 70 -12.86 -5.70 -6.47
CA GLN A 70 -14.27 -5.37 -6.64
C GLN A 70 -14.81 -5.98 -7.92
N VAL A 71 -13.95 -6.07 -8.93
CA VAL A 71 -14.33 -6.63 -10.22
C VAL A 71 -14.25 -8.15 -10.19
N LEU A 72 -13.19 -8.67 -9.58
CA LEU A 72 -12.99 -10.12 -9.47
C LEU A 72 -14.14 -10.77 -8.71
N SER A 73 -14.77 -10.01 -7.82
CA SER A 73 -15.89 -10.51 -7.04
C SER A 73 -17.16 -10.54 -7.87
N VAL A 74 -17.22 -9.71 -8.89
CA VAL A 74 -18.39 -9.65 -9.77
C VAL A 74 -18.66 -11.01 -10.39
N LEU A 75 -17.59 -11.79 -10.61
CA LEU A 75 -17.72 -13.11 -11.20
C LEU A 75 -18.66 -13.97 -10.37
N LYS A 76 -18.80 -13.62 -9.08
CA LYS A 76 -19.67 -14.35 -8.18
C LYS A 76 -19.74 -13.66 -6.82
N GLY A 77 -20.92 -13.17 -6.48
CA GLY A 77 -21.12 -12.48 -5.23
C GLY A 77 -21.42 -11.01 -5.42
N GLU A 78 -21.30 -10.54 -6.67
CA GLU A 78 -21.56 -9.15 -7.01
C GLU A 78 -20.94 -8.21 -5.99
N GLU A 79 -19.82 -8.62 -5.41
CA GLU A 79 -19.12 -7.81 -4.42
C GLU A 79 -17.94 -7.08 -5.05
N THR A 13 32.51 -5.86 6.89
CA THR A 13 31.03 -5.93 6.80
C THR A 13 30.37 -4.77 7.55
N PHE A 14 29.19 -5.01 8.11
CA PHE A 14 28.47 -3.97 8.83
C PHE A 14 27.99 -2.88 7.89
N LEU A 15 28.02 -3.18 6.59
CA LEU A 15 27.59 -2.22 5.57
C LEU A 15 26.31 -2.70 4.90
N THR A 16 26.22 -4.01 4.68
CA THR A 16 25.05 -4.60 4.05
C THR A 16 23.86 -4.58 5.00
N GLN A 17 24.15 -4.63 6.30
CA GLN A 17 23.09 -4.61 7.30
C GLN A 17 22.35 -3.28 7.25
N VAL A 18 23.09 -2.18 7.27
CA VAL A 18 22.48 -0.86 7.21
C VAL A 18 21.76 -0.69 5.89
N LYS A 19 22.33 -1.27 4.83
CA LYS A 19 21.72 -1.20 3.52
C LYS A 19 20.29 -1.74 3.58
N GLU A 20 20.04 -2.62 4.56
CA GLU A 20 18.72 -3.19 4.73
C GLU A 20 17.81 -2.19 5.45
N SER A 21 18.43 -1.28 6.20
CA SER A 21 17.70 -0.25 6.93
C SER A 21 17.59 1.03 6.11
N LEU A 22 18.74 1.54 5.65
CA LEU A 22 18.75 2.76 4.85
C LEU A 22 17.95 2.55 3.56
N SER A 23 17.74 1.29 3.20
CA SER A 23 16.99 0.95 2.01
C SER A 23 15.69 0.23 2.36
N SER A 24 15.45 0.02 3.65
CA SER A 24 14.23 -0.66 4.10
C SER A 24 12.98 0.10 3.66
N TYR A 25 13.16 1.39 3.35
CA TYR A 25 12.05 2.21 2.91
C TYR A 25 12.04 2.32 1.38
N TRP A 26 13.15 1.91 0.77
CA TRP A 26 13.27 1.92 -0.68
C TRP A 26 12.87 0.57 -1.23
N GLU A 27 13.03 -0.46 -0.39
CA GLU A 27 12.67 -1.82 -0.78
C GLU A 27 11.20 -2.08 -0.47
N SER A 28 10.65 -1.32 0.47
CA SER A 28 9.26 -1.46 0.83
C SER A 28 8.38 -0.74 -0.17
N ALA A 29 8.80 0.45 -0.56
CA ALA A 29 8.07 1.24 -1.53
C ALA A 29 7.78 0.42 -2.78
N LYS A 30 8.63 -0.57 -3.03
CA LYS A 30 8.47 -1.45 -4.19
C LYS A 30 7.63 -2.66 -3.83
N THR A 31 7.68 -3.08 -2.56
CA THR A 31 6.91 -4.22 -2.10
C THR A 31 5.46 -3.84 -1.85
N ALA A 32 5.24 -2.58 -1.47
CA ALA A 32 3.90 -2.09 -1.21
C ALA A 32 3.37 -1.22 -2.35
N ALA A 33 4.12 -1.19 -3.45
CA ALA A 33 3.71 -0.40 -4.62
C ALA A 33 2.77 -1.19 -5.51
N GLN A 34 3.22 -2.36 -5.95
CA GLN A 34 2.41 -3.22 -6.81
C GLN A 34 1.11 -3.61 -6.11
N ASN A 35 1.11 -3.53 -4.79
CA ASN A 35 -0.06 -3.86 -4.00
C ASN A 35 -1.09 -2.74 -4.05
N LEU A 36 -0.69 -1.56 -3.56
CA LEU A 36 -1.57 -0.41 -3.55
C LEU A 36 -2.02 -0.04 -4.96
N TYR A 37 -1.12 -0.20 -5.92
CA TYR A 37 -1.43 0.11 -7.32
C TYR A 37 -2.34 -0.95 -7.93
N GLU A 38 -2.57 -2.04 -7.20
CA GLU A 38 -3.42 -3.12 -7.67
C GLU A 38 -4.84 -2.99 -7.12
N LYS A 39 -4.96 -2.33 -5.96
CA LYS A 39 -6.26 -2.15 -5.33
C LYS A 39 -6.52 -0.68 -4.98
N THR A 40 -5.71 0.22 -5.54
CA THR A 40 -5.87 1.65 -5.28
C THR A 40 -5.56 2.48 -6.52
N TYR A 41 -5.44 1.82 -7.67
CA TYR A 41 -5.13 2.52 -8.92
C TYR A 41 -5.89 1.88 -10.09
N LEU A 42 -7.07 1.35 -9.80
CA LEU A 42 -7.90 0.71 -10.81
C LEU A 42 -9.35 1.16 -10.71
N PRO A 43 -10.06 0.77 -9.63
CA PRO A 43 -11.46 1.16 -9.44
C PRO A 43 -11.61 2.62 -9.04
N ALA A 44 -11.12 3.52 -9.88
CA ALA A 44 -11.20 4.95 -9.61
C ALA A 44 -10.80 5.76 -10.84
N VAL A 45 -11.06 5.20 -12.02
CA VAL A 45 -10.74 5.89 -13.26
C VAL A 45 -11.78 6.95 -13.57
N ASP A 46 -12.97 6.79 -13.02
CA ASP A 46 -14.05 7.75 -13.23
C ASP A 46 -13.95 8.89 -12.22
N GLU A 47 -13.27 8.65 -11.11
CA GLU A 47 -13.10 9.67 -10.08
C GLU A 47 -11.68 10.23 -10.10
N LYS A 48 -10.74 9.39 -10.52
CA LYS A 48 -9.33 9.79 -10.59
C LYS A 48 -8.86 9.84 -12.04
N LEU A 49 -8.93 8.69 -12.71
CA LEU A 49 -8.50 8.60 -14.11
C LEU A 49 -7.02 8.96 -14.25
N ARG A 50 -6.31 9.04 -13.12
CA ARG A 50 -4.89 9.37 -13.11
C ARG A 50 -4.43 9.78 -11.71
N ASP A 51 -5.24 10.61 -11.04
CA ASP A 51 -4.91 11.09 -9.69
C ASP A 51 -5.72 12.34 -9.36
N LEU A 52 -6.95 12.39 -9.85
CA LEU A 52 -7.82 13.53 -9.61
C LEU A 52 -8.44 13.46 -8.21
N TYR A 53 -8.03 12.49 -7.43
CA TYR A 53 -8.54 12.31 -6.08
C TYR A 53 -7.63 13.00 -5.06
N SER A 54 -6.32 12.88 -5.29
CA SER A 54 -5.34 13.49 -4.39
C SER A 54 -5.53 13.02 -2.96
N LYS A 55 -5.71 11.71 -2.79
CA LYS A 55 -5.91 11.14 -1.47
C LYS A 55 -7.12 11.77 -0.78
N SER A 56 -7.99 12.39 -1.57
CA SER A 56 -9.19 13.03 -1.02
C SER A 56 -10.02 12.01 -0.25
N THR A 57 -10.32 10.90 -0.91
CA THR A 57 -11.10 9.84 -0.29
C THR A 57 -10.71 8.47 -0.86
N ALA A 58 -9.49 8.39 -1.39
CA ALA A 58 -8.99 7.15 -1.95
C ALA A 58 -8.59 6.19 -0.85
N ALA A 59 -7.84 6.71 0.12
CA ALA A 59 -7.39 5.91 1.25
C ALA A 59 -8.53 5.69 2.24
N MET A 60 -9.56 6.53 2.16
CA MET A 60 -10.70 6.42 3.05
C MET A 60 -11.76 5.50 2.46
N SER A 61 -11.79 5.39 1.14
CA SER A 61 -12.75 4.55 0.46
C SER A 61 -12.07 3.31 -0.15
N THR A 62 -11.06 2.82 0.55
CA THR A 62 -10.32 1.64 0.09
C THR A 62 -10.77 0.39 0.84
N TYR A 63 -11.42 0.60 1.98
CA TYR A 63 -11.90 -0.51 2.79
C TYR A 63 -12.60 -1.56 1.94
N THR A 64 -13.16 -1.12 0.82
CA THR A 64 -13.84 -2.02 -0.10
C THR A 64 -12.95 -3.22 -0.43
N GLY A 65 -11.64 -3.02 -0.33
CA GLY A 65 -10.70 -4.10 -0.60
C GLY A 65 -9.99 -4.59 0.64
N ILE A 66 -10.25 -3.95 1.78
CA ILE A 66 -9.61 -4.34 3.04
C ILE A 66 -10.63 -4.92 4.02
N PHE A 67 -11.91 -4.77 3.70
CA PHE A 67 -12.98 -5.29 4.56
C PHE A 67 -12.65 -6.69 5.06
N THR A 68 -11.93 -7.45 4.24
CA THR A 68 -11.54 -8.81 4.58
C THR A 68 -10.05 -8.88 4.89
N ASP A 69 -9.28 -7.93 4.36
CA ASP A 69 -7.85 -7.89 4.57
C ASP A 69 -7.53 -7.42 6.00
N GLN A 70 -8.34 -6.49 6.49
CA GLN A 70 -8.15 -5.95 7.83
C GLN A 70 -8.47 -7.01 8.88
N VAL A 71 -9.40 -7.91 8.55
CA VAL A 71 -9.79 -8.97 9.46
C VAL A 71 -8.92 -10.20 9.27
N LEU A 72 -8.58 -10.49 8.02
CA LEU A 72 -7.74 -11.64 7.70
C LEU A 72 -6.38 -11.52 8.38
N SER A 73 -5.94 -10.28 8.61
CA SER A 73 -4.66 -10.04 9.25
C SER A 73 -4.76 -10.23 10.77
N VAL A 74 -5.96 -10.08 11.30
CA VAL A 74 -6.19 -10.24 12.73
C VAL A 74 -5.75 -11.62 13.20
N LEU A 75 -5.88 -12.61 12.32
CA LEU A 75 -5.48 -13.97 12.64
C LEU A 75 -4.02 -14.02 13.07
N LYS A 76 -3.25 -13.03 12.61
CA LYS A 76 -1.83 -12.95 12.94
C LYS A 76 -1.21 -11.70 12.34
N GLY A 77 -0.77 -10.80 13.20
CA GLY A 77 -0.17 -9.56 12.75
C GLY A 77 -1.01 -8.36 13.11
N GLU A 78 -2.22 -8.61 13.61
CA GLU A 78 -3.14 -7.55 14.01
C GLU A 78 -3.18 -6.43 12.97
N GLU A 79 -2.97 -6.80 11.71
CA GLU A 79 -2.98 -5.83 10.61
C GLU A 79 -4.37 -5.72 10.00
N THR A 13 4.95 -4.98 -24.13
CA THR A 13 4.08 -5.14 -22.93
C THR A 13 3.69 -3.79 -22.35
N PHE A 14 2.43 -3.69 -21.94
CA PHE A 14 1.91 -2.46 -21.36
C PHE A 14 1.64 -2.65 -19.87
N LEU A 15 1.18 -3.84 -19.52
CA LEU A 15 0.88 -4.17 -18.13
C LEU A 15 2.12 -4.68 -17.42
N THR A 16 3.03 -5.28 -18.19
CA THR A 16 4.27 -5.80 -17.64
C THR A 16 5.26 -4.68 -17.37
N GLN A 17 5.18 -3.62 -18.18
CA GLN A 17 6.07 -2.48 -18.00
C GLN A 17 5.80 -1.79 -16.67
N VAL A 18 4.53 -1.49 -16.41
CA VAL A 18 4.15 -0.86 -15.16
C VAL A 18 4.48 -1.75 -13.99
N LYS A 19 4.32 -3.06 -14.20
CA LYS A 19 4.63 -4.04 -13.17
C LYS A 19 6.08 -3.88 -12.72
N GLU A 20 6.91 -3.34 -13.59
CA GLU A 20 8.31 -3.12 -13.27
C GLU A 20 8.47 -1.84 -12.44
N SER A 21 7.43 -1.02 -12.44
CA SER A 21 7.43 0.23 -11.70
C SER A 21 6.57 0.12 -10.45
N LEU A 22 5.32 -0.30 -10.62
CA LEU A 22 4.41 -0.44 -9.49
C LEU A 22 4.99 -1.41 -8.47
N SER A 23 5.93 -2.24 -8.93
CA SER A 23 6.59 -3.21 -8.07
C SER A 23 7.97 -2.71 -7.66
N SER A 24 8.52 -1.78 -8.43
CA SER A 24 9.84 -1.24 -8.13
C SER A 24 9.74 0.09 -7.39
N TYR A 25 8.52 0.59 -7.24
CA TYR A 25 8.28 1.84 -6.53
C TYR A 25 7.40 1.61 -5.31
N TRP A 26 6.93 0.38 -5.17
CA TRP A 26 6.09 0.01 -4.03
C TRP A 26 6.95 -0.61 -2.94
N GLU A 27 8.02 -1.26 -3.37
CA GLU A 27 8.95 -1.89 -2.43
C GLU A 27 9.99 -0.88 -1.96
N SER A 28 10.18 0.17 -2.75
CA SER A 28 11.14 1.22 -2.40
C SER A 28 10.49 2.22 -1.46
N ALA A 29 9.25 2.57 -1.77
CA ALA A 29 8.51 3.51 -0.94
C ALA A 29 8.48 3.03 0.50
N LYS A 30 8.57 1.72 0.68
CA LYS A 30 8.58 1.13 2.01
C LYS A 30 10.01 1.00 2.53
N THR A 31 10.97 0.92 1.62
CA THR A 31 12.38 0.79 2.00
C THR A 31 12.95 2.13 2.43
N ALA A 32 12.38 3.21 1.91
CA ALA A 32 12.84 4.56 2.26
C ALA A 32 11.81 5.30 3.11
N ALA A 33 10.79 4.59 3.56
CA ALA A 33 9.76 5.20 4.39
C ALA A 33 10.06 4.99 5.87
N GLN A 34 10.29 3.74 6.25
CA GLN A 34 10.60 3.40 7.63
C GLN A 34 11.90 4.07 8.07
N ASN A 35 12.71 4.48 7.09
CA ASN A 35 13.98 5.13 7.37
C ASN A 35 13.76 6.57 7.83
N LEU A 36 13.13 7.35 6.97
CA LEU A 36 12.86 8.76 7.30
C LEU A 36 11.77 8.88 8.36
N TYR A 37 10.76 8.01 8.29
CA TYR A 37 9.67 8.03 9.24
C TYR A 37 10.13 7.61 10.64
N GLU A 38 11.35 7.11 10.74
CA GLU A 38 11.90 6.67 12.01
C GLU A 38 12.71 7.77 12.68
N LYS A 39 13.05 8.81 11.91
CA LYS A 39 13.83 9.91 12.46
C LYS A 39 13.38 11.26 11.89
N THR A 40 12.09 11.37 11.57
CA THR A 40 11.55 12.61 11.02
C THR A 40 10.51 13.22 11.95
N TYR A 41 9.49 12.43 12.29
CA TYR A 41 8.43 12.90 13.16
C TYR A 41 7.64 11.74 13.75
N LEU A 42 8.30 10.60 13.91
CA LEU A 42 7.67 9.41 14.45
C LEU A 42 8.70 8.45 15.04
N PRO A 43 8.80 8.36 16.37
CA PRO A 43 9.75 7.46 17.03
C PRO A 43 9.40 5.99 16.83
N ALA A 44 8.13 5.65 17.07
CA ALA A 44 7.67 4.28 16.91
C ALA A 44 6.22 4.23 16.44
N VAL A 45 5.74 5.35 15.90
CA VAL A 45 4.39 5.41 15.39
C VAL A 45 4.32 4.77 14.02
N ASP A 46 5.43 4.85 13.29
CA ASP A 46 5.52 4.25 11.97
C ASP A 46 5.53 2.73 12.09
N GLU A 47 5.92 2.24 13.26
CA GLU A 47 5.96 0.81 13.52
C GLU A 47 4.90 0.41 14.55
N LYS A 48 4.04 1.36 14.91
CA LYS A 48 2.99 1.10 15.88
C LYS A 48 1.64 1.57 15.34
N LEU A 49 1.61 2.77 14.77
CA LEU A 49 0.37 3.32 14.22
C LEU A 49 -0.21 2.38 13.17
N ARG A 50 0.65 1.62 12.51
CA ARG A 50 0.21 0.68 11.48
C ARG A 50 0.25 -0.76 12.00
N ASP A 51 1.23 -1.05 12.85
CA ASP A 51 1.37 -2.39 13.42
C ASP A 51 0.12 -2.79 14.19
N LEU A 52 -0.40 -1.86 14.98
CA LEU A 52 -1.60 -2.11 15.77
C LEU A 52 -2.86 -1.74 14.98
N TYR A 53 -2.70 -1.51 13.68
CA TYR A 53 -3.81 -1.15 12.82
C TYR A 53 -4.06 -2.24 11.78
N SER A 54 -2.99 -2.93 11.38
CA SER A 54 -3.09 -3.99 10.39
C SER A 54 -3.70 -5.25 10.98
N LYS A 55 -4.40 -5.08 12.08
CA LYS A 55 -5.07 -6.18 12.76
C LYS A 55 -6.33 -5.69 13.47
N SER A 56 -6.44 -4.37 13.63
CA SER A 56 -7.60 -3.77 14.27
C SER A 56 -8.70 -3.56 13.24
N THR A 57 -8.34 -2.91 12.14
CA THR A 57 -9.29 -2.66 11.06
C THR A 57 -8.81 -3.31 9.76
N ALA A 58 -7.86 -4.21 9.88
CA ALA A 58 -7.33 -4.92 8.73
C ALA A 58 -8.28 -6.04 8.35
N ALA A 59 -8.58 -6.90 9.33
CA ALA A 59 -9.49 -8.01 9.11
C ALA A 59 -10.91 -7.49 8.88
N MET A 60 -11.18 -6.25 9.32
CA MET A 60 -12.50 -5.65 9.15
C MET A 60 -12.60 -4.95 7.80
N SER A 61 -11.46 -4.46 7.32
CA SER A 61 -11.41 -3.77 6.04
C SER A 61 -11.42 -4.76 4.88
N THR A 62 -10.37 -5.58 4.81
CA THR A 62 -10.25 -6.57 3.76
C THR A 62 -10.23 -5.92 2.39
N TYR A 63 -10.19 -4.59 2.37
CA TYR A 63 -10.17 -3.85 1.11
C TYR A 63 -9.25 -4.52 0.09
N THR A 64 -8.23 -5.21 0.59
CA THR A 64 -7.31 -5.92 -0.28
C THR A 64 -8.07 -6.77 -1.28
N GLY A 65 -9.27 -7.20 -0.89
CA GLY A 65 -10.09 -8.01 -1.77
C GLY A 65 -10.70 -7.18 -2.90
N ILE A 66 -10.83 -5.87 -2.67
CA ILE A 66 -11.39 -4.99 -3.67
C ILE A 66 -10.33 -4.06 -4.27
N PHE A 67 -9.17 -3.99 -3.61
CA PHE A 67 -8.07 -3.13 -4.07
C PHE A 67 -7.90 -3.25 -5.59
N THR A 68 -8.20 -4.43 -6.13
CA THR A 68 -8.09 -4.67 -7.55
C THR A 68 -9.47 -4.73 -8.20
N ASP A 69 -10.48 -5.05 -7.40
CA ASP A 69 -11.85 -5.15 -7.90
C ASP A 69 -12.42 -3.75 -8.16
N GLN A 70 -12.06 -2.81 -7.31
CA GLN A 70 -12.53 -1.43 -7.45
C GLN A 70 -11.90 -0.78 -8.68
N VAL A 71 -10.68 -1.18 -9.00
CA VAL A 71 -9.98 -0.64 -10.16
C VAL A 71 -10.30 -1.45 -11.42
N LEU A 72 -10.43 -2.77 -11.25
CA LEU A 72 -10.73 -3.65 -12.37
C LEU A 72 -12.06 -3.27 -13.02
N SER A 73 -12.97 -2.70 -12.22
CA SER A 73 -14.27 -2.29 -12.72
C SER A 73 -14.18 -0.96 -13.47
N VAL A 74 -13.14 -0.18 -13.15
CA VAL A 74 -12.94 1.10 -13.80
C VAL A 74 -12.81 0.94 -15.31
N LEU A 75 -12.29 -0.21 -15.73
CA LEU A 75 -12.13 -0.49 -17.16
C LEU A 75 -13.46 -0.36 -17.88
N LYS A 76 -14.55 -0.52 -17.13
CA LYS A 76 -15.89 -0.41 -17.68
C LYS A 76 -16.93 -0.24 -16.58
N GLY A 77 -17.53 0.94 -16.54
CA GLY A 77 -18.53 1.24 -15.53
C GLY A 77 -18.02 2.29 -14.54
N GLU A 78 -16.75 2.64 -14.66
CA GLU A 78 -16.13 3.63 -13.78
C GLU A 78 -16.55 3.42 -12.33
N GLU A 79 -16.78 2.17 -11.96
CA GLU A 79 -17.18 1.82 -10.60
C GLU A 79 -16.10 2.22 -9.60
N THR A 13 28.97 -13.17 -8.36
CA THR A 13 27.67 -13.09 -9.07
C THR A 13 27.60 -11.85 -9.96
N PHE A 14 27.03 -12.02 -11.15
CA PHE A 14 26.90 -10.92 -12.09
C PHE A 14 25.43 -10.51 -12.22
N LEU A 15 24.55 -11.50 -12.16
CA LEU A 15 23.11 -11.26 -12.26
C LEU A 15 22.54 -10.91 -10.89
N THR A 16 23.17 -11.43 -9.84
CA THR A 16 22.73 -11.16 -8.47
C THR A 16 23.11 -9.75 -8.05
N GLN A 17 24.20 -9.25 -8.61
CA GLN A 17 24.66 -7.90 -8.30
C GLN A 17 23.61 -6.88 -8.70
N VAL A 18 23.15 -6.96 -9.94
CA VAL A 18 22.14 -6.04 -10.44
C VAL A 18 20.86 -6.20 -9.63
N LYS A 19 20.59 -7.44 -9.23
CA LYS A 19 19.41 -7.73 -8.42
C LYS A 19 19.43 -6.87 -7.17
N GLU A 20 20.62 -6.48 -6.74
CA GLU A 20 20.78 -5.65 -5.56
C GLU A 20 20.47 -4.19 -5.91
N SER A 21 20.59 -3.87 -7.20
CA SER A 21 20.32 -2.52 -7.68
C SER A 21 18.90 -2.40 -8.21
N LEU A 22 18.54 -3.29 -9.15
CA LEU A 22 17.20 -3.28 -9.72
C LEU A 22 16.16 -3.50 -8.63
N SER A 23 16.60 -4.03 -7.50
CA SER A 23 15.71 -4.30 -6.37
C SER A 23 16.00 -3.35 -5.21
N SER A 24 17.07 -2.57 -5.32
CA SER A 24 17.45 -1.63 -4.26
C SER A 24 16.42 -0.52 -4.11
N TYR A 25 15.55 -0.39 -5.11
CA TYR A 25 14.50 0.62 -5.07
C TYR A 25 13.15 -0.03 -4.78
N TRP A 26 13.12 -1.35 -4.83
CA TRP A 26 11.91 -2.10 -4.53
C TRP A 26 11.89 -2.49 -3.07
N GLU A 27 13.07 -2.63 -2.49
CA GLU A 27 13.22 -2.98 -1.09
C GLU A 27 13.17 -1.73 -0.22
N SER A 28 13.45 -0.58 -0.84
CA SER A 28 13.43 0.69 -0.12
C SER A 28 12.01 1.20 -0.02
N ALA A 29 11.27 1.10 -1.11
CA ALA A 29 9.89 1.54 -1.15
C ALA A 29 9.10 0.90 -0.01
N LYS A 30 9.55 -0.28 0.40
CA LYS A 30 8.91 -1.00 1.50
C LYS A 30 9.55 -0.63 2.83
N THR A 31 10.83 -0.25 2.78
CA THR A 31 11.56 0.13 3.98
C THR A 31 11.14 1.53 4.44
N ALA A 32 10.70 2.36 3.51
CA ALA A 32 10.26 3.71 3.82
C ALA A 32 8.78 3.89 3.56
N ALA A 33 8.03 2.79 3.54
CA ALA A 33 6.60 2.84 3.30
C ALA A 33 5.83 2.78 4.61
N GLN A 34 6.16 1.81 5.44
CA GLN A 34 5.51 1.64 6.73
C GLN A 34 5.74 2.86 7.62
N ASN A 35 6.77 3.63 7.30
CA ASN A 35 7.10 4.82 8.06
C ASN A 35 6.19 5.99 7.66
N LEU A 36 6.29 6.39 6.39
CA LEU A 36 5.48 7.48 5.88
C LEU A 36 4.00 7.15 5.91
N TYR A 37 3.69 5.86 5.79
CA TYR A 37 2.30 5.40 5.81
C TYR A 37 1.80 5.22 7.24
N GLU A 38 2.64 5.55 8.22
CA GLU A 38 2.26 5.42 9.62
C GLU A 38 2.07 6.78 10.27
N LYS A 39 2.70 7.81 9.69
CA LYS A 39 2.58 9.17 10.23
C LYS A 39 2.50 10.19 9.11
N THR A 40 1.91 9.80 7.97
CA THR A 40 1.77 10.71 6.84
C THR A 40 0.61 10.31 5.95
N TYR A 41 0.50 9.01 5.69
CA TYR A 41 -0.57 8.49 4.85
C TYR A 41 -1.56 7.65 5.66
N LEU A 42 -1.74 8.04 6.92
CA LEU A 42 -2.65 7.32 7.81
C LEU A 42 -3.38 8.28 8.76
N PRO A 43 -2.64 9.06 9.56
CA PRO A 43 -3.23 10.01 10.50
C PRO A 43 -3.52 11.36 9.86
N ALA A 44 -4.12 11.34 8.68
CA ALA A 44 -4.45 12.57 7.97
C ALA A 44 -5.90 12.57 7.48
N VAL A 45 -6.64 11.53 7.83
CA VAL A 45 -8.04 11.44 7.43
C VAL A 45 -8.83 12.61 8.00
N ASP A 46 -8.42 13.05 9.18
CA ASP A 46 -9.07 14.18 9.83
C ASP A 46 -8.80 15.46 9.04
N GLU A 47 -7.72 15.45 8.27
CA GLU A 47 -7.35 16.60 7.46
C GLU A 47 -8.03 16.53 6.09
N LYS A 48 -7.83 15.42 5.38
CA LYS A 48 -8.43 15.22 4.07
C LYS A 48 -7.88 13.98 3.38
N LEU A 49 -7.86 12.86 4.09
CA LEU A 49 -7.36 11.61 3.52
C LEU A 49 -8.50 10.73 3.05
N ARG A 50 -9.59 11.36 2.61
CA ARG A 50 -10.76 10.64 2.12
C ARG A 50 -11.86 11.60 1.70
N ASP A 51 -12.00 12.69 2.43
CA ASP A 51 -13.02 13.69 2.13
C ASP A 51 -12.65 14.48 0.88
N LEU A 52 -11.35 14.66 0.66
CA LEU A 52 -10.86 15.39 -0.50
C LEU A 52 -10.65 14.44 -1.69
N TYR A 53 -11.15 13.22 -1.55
CA TYR A 53 -11.02 12.22 -2.61
C TYR A 53 -12.36 12.03 -3.33
N SER A 54 -13.45 12.10 -2.58
CA SER A 54 -14.78 11.95 -3.15
C SER A 54 -14.90 10.64 -3.92
N LYS A 55 -14.31 9.59 -3.37
CA LYS A 55 -14.35 8.27 -4.01
C LYS A 55 -13.69 8.33 -5.39
N SER A 56 -12.93 9.38 -5.65
CA SER A 56 -12.25 9.54 -6.92
C SER A 56 -11.27 8.38 -7.15
N THR A 57 -10.37 8.20 -6.20
CA THR A 57 -9.38 7.13 -6.28
C THR A 57 -9.08 6.58 -4.90
N ALA A 58 -10.00 6.78 -3.97
CA ALA A 58 -9.84 6.29 -2.61
C ALA A 58 -10.21 4.82 -2.53
N ALA A 59 -11.23 4.44 -3.29
CA ALA A 59 -11.69 3.06 -3.33
C ALA A 59 -10.77 2.21 -4.21
N MET A 60 -10.05 2.87 -5.12
CA MET A 60 -9.14 2.17 -6.02
C MET A 60 -7.79 1.92 -5.35
N SER A 61 -7.45 2.76 -4.38
CA SER A 61 -6.19 2.62 -3.67
C SER A 61 -6.42 2.21 -2.21
N THR A 62 -7.41 1.35 -2.00
CA THR A 62 -7.73 0.88 -0.66
C THR A 62 -7.28 -0.56 -0.46
N TYR A 63 -6.98 -1.25 -1.56
CA TYR A 63 -6.54 -2.63 -1.50
C TYR A 63 -5.46 -2.81 -0.43
N THR A 64 -4.71 -1.74 -0.18
CA THR A 64 -3.65 -1.79 0.83
C THR A 64 -4.19 -2.35 2.14
N GLY A 65 -5.50 -2.19 2.36
CA GLY A 65 -6.12 -2.69 3.57
C GLY A 65 -7.15 -3.78 3.28
N ILE A 66 -7.32 -4.12 2.01
CA ILE A 66 -8.29 -5.15 1.62
C ILE A 66 -7.60 -6.38 1.06
N PHE A 67 -6.29 -6.27 0.78
CA PHE A 67 -5.53 -7.38 0.23
C PHE A 67 -5.83 -8.67 0.98
N THR A 68 -6.17 -8.55 2.26
CA THR A 68 -6.50 -9.70 3.08
C THR A 68 -8.01 -9.76 3.35
N ASP A 69 -8.66 -8.60 3.27
CA ASP A 69 -10.10 -8.53 3.50
C ASP A 69 -10.86 -9.12 2.31
N GLN A 70 -10.35 -8.88 1.11
CA GLN A 70 -10.97 -9.40 -0.10
C GLN A 70 -10.86 -10.92 -0.14
N VAL A 71 -9.83 -11.45 0.51
CA VAL A 71 -9.60 -12.89 0.56
C VAL A 71 -10.40 -13.54 1.67
N LEU A 72 -10.34 -12.96 2.86
CA LEU A 72 -11.06 -13.50 4.00
C LEU A 72 -12.57 -13.44 3.76
N SER A 73 -12.99 -12.54 2.90
CA SER A 73 -14.40 -12.38 2.57
C SER A 73 -14.85 -13.50 1.63
N VAL A 74 -13.91 -14.02 0.84
CA VAL A 74 -14.22 -15.09 -0.09
C VAL A 74 -14.74 -16.32 0.64
N LEU A 75 -14.17 -16.57 1.82
CA LEU A 75 -14.60 -17.71 2.64
C LEU A 75 -16.07 -17.57 3.02
N LYS A 76 -16.59 -16.35 2.95
CA LYS A 76 -17.98 -16.08 3.28
C LYS A 76 -18.41 -14.74 2.71
N GLY A 77 -19.23 -14.80 1.67
CA GLY A 77 -19.70 -13.59 1.02
C GLY A 77 -19.21 -13.51 -0.41
N GLU A 78 -18.33 -14.44 -0.79
CA GLU A 78 -17.79 -14.49 -2.14
C GLU A 78 -17.38 -13.10 -2.62
N GLU A 79 -16.95 -12.26 -1.69
CA GLU A 79 -16.54 -10.90 -2.01
C GLU A 79 -15.37 -10.91 -3.00
N THR A 13 16.77 -18.69 -8.15
CA THR A 13 17.77 -19.39 -7.30
C THR A 13 18.99 -18.50 -7.04
N PHE A 14 19.96 -18.54 -7.93
CA PHE A 14 21.16 -17.73 -7.79
C PHE A 14 20.88 -16.29 -8.21
N LEU A 15 19.90 -16.12 -9.07
CA LEU A 15 19.52 -14.80 -9.56
C LEU A 15 18.50 -14.15 -8.62
N THR A 16 17.73 -14.98 -7.93
CA THR A 16 16.71 -14.49 -7.00
C THR A 16 17.36 -13.96 -5.73
N GLN A 17 18.49 -14.55 -5.35
CA GLN A 17 19.20 -14.12 -4.16
C GLN A 17 19.68 -12.68 -4.32
N VAL A 18 20.37 -12.41 -5.41
CA VAL A 18 20.87 -11.07 -5.68
C VAL A 18 19.70 -10.11 -5.82
N LYS A 19 18.62 -10.61 -6.39
CA LYS A 19 17.42 -9.80 -6.56
C LYS A 19 16.96 -9.25 -5.21
N GLU A 20 17.33 -9.96 -4.14
CA GLU A 20 16.97 -9.53 -2.80
C GLU A 20 17.90 -8.40 -2.33
N SER A 21 19.03 -8.27 -3.01
CA SER A 21 20.01 -7.24 -2.68
C SER A 21 19.98 -6.10 -3.69
N LEU A 22 20.10 -6.45 -4.97
CA LEU A 22 20.09 -5.45 -6.03
C LEU A 22 18.76 -4.70 -6.01
N SER A 23 17.76 -5.28 -5.37
CA SER A 23 16.44 -4.68 -5.26
C SER A 23 16.17 -4.20 -3.84
N SER A 24 17.02 -4.61 -2.90
CA SER A 24 16.86 -4.20 -1.50
C SER A 24 16.95 -2.69 -1.35
N TYR A 25 17.53 -2.04 -2.34
CA TYR A 25 17.67 -0.58 -2.32
C TYR A 25 16.59 0.06 -3.18
N TRP A 26 15.92 -0.78 -3.99
CA TRP A 26 14.86 -0.31 -4.85
C TRP A 26 13.52 -0.46 -4.12
N GLU A 27 13.49 -1.38 -3.16
CA GLU A 27 12.30 -1.61 -2.37
C GLU A 27 12.23 -0.64 -1.20
N SER A 28 13.40 -0.10 -0.82
CA SER A 28 13.47 0.85 0.29
C SER A 28 13.03 2.23 -0.17
N ALA A 29 13.53 2.64 -1.33
CA ALA A 29 13.18 3.94 -1.89
C ALA A 29 11.66 4.10 -1.95
N LYS A 30 10.97 2.97 -2.08
CA LYS A 30 9.52 2.96 -2.13
C LYS A 30 8.94 2.85 -0.72
N THR A 31 9.70 2.24 0.18
CA THR A 31 9.27 2.08 1.57
C THR A 31 9.26 3.42 2.28
N ALA A 32 10.14 4.33 1.86
CA ALA A 32 10.22 5.65 2.47
C ALA A 32 9.53 6.71 1.61
N ALA A 33 8.81 6.26 0.58
CA ALA A 33 8.08 7.17 -0.30
C ALA A 33 6.59 7.09 -0.03
N GLN A 34 6.11 5.89 0.27
CA GLN A 34 4.70 5.69 0.56
C GLN A 34 4.36 6.20 1.96
N ASN A 35 5.39 6.36 2.80
CA ASN A 35 5.20 6.85 4.15
C ASN A 35 4.97 8.35 4.14
N LEU A 36 5.92 9.07 3.57
CA LEU A 36 5.84 10.53 3.49
C LEU A 36 4.66 10.96 2.63
N TYR A 37 4.49 10.30 1.49
CA TYR A 37 3.40 10.62 0.58
C TYR A 37 2.04 10.32 1.21
N GLU A 38 2.04 9.56 2.30
CA GLU A 38 0.81 9.21 2.99
C GLU A 38 0.43 10.30 4.00
N LYS A 39 1.43 11.00 4.51
CA LYS A 39 1.20 12.06 5.48
C LYS A 39 1.59 13.42 4.90
N THR A 40 1.47 13.56 3.59
CA THR A 40 1.81 14.80 2.93
C THR A 40 1.08 14.94 1.59
N TYR A 41 1.08 13.85 0.83
CA TYR A 41 0.42 13.83 -0.47
C TYR A 41 -0.66 12.74 -0.52
N LEU A 42 -1.29 12.50 0.62
CA LEU A 42 -2.34 11.48 0.70
C LEU A 42 -3.44 11.74 -0.32
N PRO A 43 -3.99 10.67 -0.92
CA PRO A 43 -5.05 10.78 -1.91
C PRO A 43 -6.44 10.88 -1.30
N ALA A 44 -6.50 11.22 0.00
CA ALA A 44 -7.77 11.36 0.70
C ALA A 44 -8.01 12.79 1.15
N VAL A 45 -7.06 13.67 0.86
CA VAL A 45 -7.19 15.08 1.23
C VAL A 45 -8.39 15.68 0.52
N ASP A 46 -8.68 15.17 -0.68
CA ASP A 46 -9.81 15.65 -1.47
C ASP A 46 -11.13 15.24 -0.82
N GLU A 47 -11.08 14.16 -0.04
CA GLU A 47 -12.26 13.66 0.65
C GLU A 47 -12.06 13.74 2.16
N LYS A 48 -11.24 14.69 2.59
CA LYS A 48 -10.94 14.88 4.00
C LYS A 48 -10.39 16.27 4.25
N LEU A 49 -9.30 16.61 3.56
CA LEU A 49 -8.66 17.92 3.70
C LEU A 49 -8.12 18.13 5.11
N ARG A 50 -8.36 17.16 6.01
CA ARG A 50 -7.89 17.24 7.40
C ARG A 50 -8.67 16.28 8.29
N ASP A 51 -9.92 16.01 7.92
CA ASP A 51 -10.77 15.10 8.70
C ASP A 51 -12.24 15.24 8.27
N LEU A 52 -12.46 15.54 7.00
CA LEU A 52 -13.81 15.70 6.47
C LEU A 52 -14.43 14.35 6.14
N TYR A 53 -13.74 13.27 6.54
CA TYR A 53 -14.23 11.92 6.30
C TYR A 53 -14.78 11.32 7.59
N SER A 54 -13.88 11.09 8.54
CA SER A 54 -14.27 10.52 9.83
C SER A 54 -14.98 9.18 9.64
N LYS A 55 -14.37 8.30 8.85
CA LYS A 55 -14.94 6.99 8.58
C LYS A 55 -16.31 7.12 7.91
N SER A 56 -16.59 8.30 7.36
CA SER A 56 -17.86 8.54 6.69
C SER A 56 -18.10 7.48 5.61
N THR A 57 -17.08 7.24 4.81
CA THR A 57 -17.16 6.25 3.75
C THR A 57 -15.81 5.53 3.58
N ALA A 58 -15.00 5.59 4.62
CA ALA A 58 -13.69 4.94 4.59
C ALA A 58 -13.85 3.43 4.77
N ALA A 59 -14.70 3.05 5.72
CA ALA A 59 -14.96 1.65 5.99
C ALA A 59 -15.78 1.03 4.86
N MET A 60 -16.54 1.86 4.16
CA MET A 60 -17.37 1.40 3.04
C MET A 60 -16.55 1.32 1.76
N SER A 61 -15.44 2.03 1.72
CA SER A 61 -14.57 2.05 0.54
C SER A 61 -13.11 1.86 0.96
N THR A 62 -12.87 0.85 1.77
CA THR A 62 -11.52 0.55 2.24
C THR A 62 -10.88 -0.56 1.40
N TYR A 63 -11.71 -1.28 0.65
CA TYR A 63 -11.23 -2.35 -0.20
C TYR A 63 -9.99 -1.92 -0.98
N THR A 64 -9.90 -0.61 -1.23
CA THR A 64 -8.76 -0.07 -1.96
C THR A 64 -7.46 -0.60 -1.37
N GLY A 65 -7.48 -0.94 -0.10
CA GLY A 65 -6.30 -1.47 0.56
C GLY A 65 -6.23 -2.99 0.50
N ILE A 66 -7.38 -3.63 0.29
CA ILE A 66 -7.45 -5.08 0.22
C ILE A 66 -7.43 -5.57 -1.23
N PHE A 67 -7.70 -4.65 -2.17
CA PHE A 67 -7.73 -5.00 -3.59
C PHE A 67 -6.57 -5.93 -3.95
N THR A 68 -5.45 -5.78 -3.25
CA THR A 68 -4.28 -6.60 -3.48
C THR A 68 -4.18 -7.70 -2.44
N ASP A 69 -4.71 -7.44 -1.24
CA ASP A 69 -4.70 -8.41 -0.16
C ASP A 69 -5.64 -9.57 -0.46
N GLN A 70 -6.78 -9.25 -1.08
CA GLN A 70 -7.76 -10.25 -1.43
C GLN A 70 -7.21 -11.19 -2.50
N VAL A 71 -6.33 -10.66 -3.35
CA VAL A 71 -5.73 -11.44 -4.42
C VAL A 71 -4.51 -12.19 -3.92
N LEU A 72 -3.70 -11.52 -3.10
CA LEU A 72 -2.49 -12.12 -2.55
C LEU A 72 -2.84 -13.36 -1.71
N SER A 73 -4.04 -13.35 -1.13
CA SER A 73 -4.50 -14.46 -0.31
C SER A 73 -4.94 -15.64 -1.18
N VAL A 74 -5.28 -15.35 -2.44
CA VAL A 74 -5.71 -16.38 -3.37
C VAL A 74 -4.63 -17.44 -3.54
N LEU A 75 -3.38 -17.03 -3.40
CA LEU A 75 -2.25 -17.95 -3.53
C LEU A 75 -2.42 -19.13 -2.55
N LYS A 76 -3.17 -18.89 -1.48
CA LYS A 76 -3.41 -19.92 -0.48
C LYS A 76 -4.54 -19.50 0.46
N GLY A 77 -5.65 -20.21 0.38
CA GLY A 77 -6.80 -19.91 1.22
C GLY A 77 -7.97 -19.38 0.39
N GLU A 78 -7.71 -19.14 -0.90
CA GLU A 78 -8.74 -18.63 -1.80
C GLU A 78 -9.53 -17.50 -1.16
N GLU A 79 -8.88 -16.74 -0.29
CA GLU A 79 -9.52 -15.63 0.39
C GLU A 79 -9.56 -14.39 -0.50
N THR A 13 4.75 -13.82 -16.10
CA THR A 13 5.53 -15.08 -15.91
C THR A 13 7.00 -14.79 -15.69
N PHE A 14 7.77 -14.68 -16.77
CA PHE A 14 9.19 -14.39 -16.68
C PHE A 14 9.42 -12.90 -16.41
N LEU A 15 8.45 -12.09 -16.80
CA LEU A 15 8.53 -10.65 -16.61
C LEU A 15 8.00 -10.26 -15.23
N THR A 16 7.09 -11.07 -14.69
CA THR A 16 6.51 -10.81 -13.39
C THR A 16 7.51 -11.11 -12.27
N GLN A 17 8.38 -12.09 -12.51
CA GLN A 17 9.37 -12.46 -11.52
C GLN A 17 10.33 -11.30 -11.28
N VAL A 18 10.88 -10.75 -12.36
CA VAL A 18 11.80 -9.62 -12.24
C VAL A 18 11.08 -8.43 -11.63
N LYS A 19 9.80 -8.30 -11.98
CA LYS A 19 8.99 -7.21 -11.45
C LYS A 19 9.00 -7.24 -9.92
N GLU A 20 9.24 -8.43 -9.37
CA GLU A 20 9.31 -8.59 -7.93
C GLU A 20 10.68 -8.12 -7.41
N SER A 21 11.65 -8.09 -8.31
CA SER A 21 13.01 -7.67 -7.96
C SER A 21 13.23 -6.21 -8.35
N LEU A 22 12.97 -5.88 -9.61
CA LEU A 22 13.15 -4.51 -10.09
C LEU A 22 12.28 -3.56 -9.27
N SER A 23 11.26 -4.12 -8.63
CA SER A 23 10.36 -3.33 -7.81
C SER A 23 10.70 -3.48 -6.33
N SER A 24 11.46 -4.53 -5.99
CA SER A 24 11.86 -4.77 -4.62
C SER A 24 12.88 -3.74 -4.16
N TYR A 25 13.43 -2.98 -5.11
CA TYR A 25 14.41 -1.94 -4.79
C TYR A 25 13.75 -0.57 -4.84
N TRP A 26 12.55 -0.53 -5.42
CA TRP A 26 11.80 0.72 -5.50
C TRP A 26 10.89 0.85 -4.29
N GLU A 27 10.50 -0.29 -3.75
CA GLU A 27 9.65 -0.33 -2.56
C GLU A 27 10.49 -0.20 -1.29
N SER A 28 11.78 -0.51 -1.42
CA SER A 28 12.70 -0.42 -0.30
C SER A 28 13.14 1.00 -0.09
N ALA A 29 13.49 1.66 -1.19
CA ALA A 29 13.93 3.05 -1.14
C ALA A 29 12.90 3.89 -0.38
N LYS A 30 11.65 3.46 -0.43
CA LYS A 30 10.57 4.15 0.25
C LYS A 30 10.43 3.64 1.68
N THR A 31 10.81 2.38 1.88
CA THR A 31 10.74 1.76 3.21
C THR A 31 11.77 2.37 4.15
N ALA A 32 12.89 2.81 3.59
CA ALA A 32 13.96 3.42 4.37
C ALA A 32 13.92 4.94 4.27
N ALA A 33 12.88 5.48 3.65
CA ALA A 33 12.73 6.92 3.49
C ALA A 33 11.90 7.49 4.64
N GLN A 34 10.73 6.90 4.86
CA GLN A 34 9.85 7.35 5.93
C GLN A 34 10.53 7.22 7.28
N ASN A 35 11.55 6.36 7.35
CA ASN A 35 12.29 6.15 8.58
C ASN A 35 13.19 7.34 8.87
N LEU A 36 14.14 7.58 7.97
CA LEU A 36 15.07 8.70 8.13
C LEU A 36 14.32 10.02 8.16
N TYR A 37 13.33 10.17 7.29
CA TYR A 37 12.54 11.39 7.24
C TYR A 37 11.81 11.63 8.56
N GLU A 38 11.67 10.58 9.36
CA GLU A 38 11.01 10.67 10.65
C GLU A 38 11.85 11.49 11.62
N LYS A 39 13.16 11.30 11.57
CA LYS A 39 14.07 12.02 12.44
C LYS A 39 14.79 13.13 11.69
N THR A 40 14.15 13.65 10.65
CA THR A 40 14.72 14.71 9.84
C THR A 40 13.93 16.01 10.00
N TYR A 41 12.79 16.08 9.33
CA TYR A 41 11.93 17.26 9.38
C TYR A 41 10.46 16.89 9.23
N LEU A 42 10.11 15.69 9.69
CA LEU A 42 8.73 15.22 9.60
C LEU A 42 8.45 14.18 10.68
N PRO A 43 7.78 14.59 11.77
CA PRO A 43 7.45 13.68 12.88
C PRO A 43 6.21 12.82 12.60
N ALA A 44 5.68 12.93 11.39
CA ALA A 44 4.50 12.16 11.00
C ALA A 44 4.65 11.53 9.62
N VAL A 45 5.86 11.63 9.05
CA VAL A 45 6.11 11.06 7.74
C VAL A 45 5.87 9.55 7.75
N ASP A 46 6.05 8.96 8.93
CA ASP A 46 5.84 7.53 9.09
C ASP A 46 4.35 7.21 9.24
N GLU A 47 3.55 8.24 9.51
CA GLU A 47 2.10 8.07 9.66
C GLU A 47 1.34 9.12 8.87
N LYS A 48 1.95 9.58 7.78
CA LYS A 48 1.33 10.59 6.93
C LYS A 48 2.20 10.90 5.72
N LEU A 49 3.32 11.56 5.95
CA LEU A 49 4.25 11.93 4.86
C LEU A 49 3.70 13.13 4.09
N ARG A 50 2.39 13.16 3.91
CA ARG A 50 1.73 14.25 3.19
C ARG A 50 0.26 13.92 2.94
N ASP A 51 -0.38 13.29 3.93
CA ASP A 51 -1.79 12.90 3.82
C ASP A 51 -1.93 11.63 2.99
N LEU A 52 -0.88 10.82 2.98
CA LEU A 52 -0.89 9.57 2.24
C LEU A 52 -1.45 8.44 3.08
N TYR A 53 -1.99 8.78 4.24
CA TYR A 53 -2.57 7.79 5.14
C TYR A 53 -4.07 7.66 4.89
N SER A 54 -4.69 8.77 4.51
CA SER A 54 -6.13 8.77 4.24
C SER A 54 -6.42 8.26 2.83
N LYS A 55 -5.48 7.48 2.32
CA LYS A 55 -5.59 6.88 1.00
C LYS A 55 -4.84 5.55 0.95
N SER A 56 -3.93 5.36 1.91
CA SER A 56 -3.15 4.13 2.01
C SER A 56 -3.91 3.12 2.85
N THR A 57 -4.36 3.56 4.02
CA THR A 57 -5.11 2.70 4.92
C THR A 57 -6.56 3.18 5.06
N ALA A 58 -6.94 4.10 4.19
CA ALA A 58 -8.30 4.63 4.20
C ALA A 58 -9.18 3.72 3.36
N ALA A 59 -8.70 3.42 2.16
CA ALA A 59 -9.41 2.53 1.26
C ALA A 59 -9.32 1.09 1.74
N MET A 60 -8.39 0.84 2.68
CA MET A 60 -8.20 -0.49 3.23
C MET A 60 -9.20 -0.76 4.35
N SER A 61 -9.69 0.31 4.98
CA SER A 61 -10.64 0.18 6.07
C SER A 61 -12.08 0.30 5.57
N THR A 62 -12.29 0.01 4.28
CA THR A 62 -13.62 0.08 3.70
C THR A 62 -14.24 -1.30 3.61
N TYR A 63 -13.41 -2.34 3.77
CA TYR A 63 -13.87 -3.71 3.72
C TYR A 63 -15.14 -3.89 4.55
N THR A 64 -15.30 -3.04 5.57
CA THR A 64 -16.47 -3.09 6.42
C THR A 64 -17.75 -3.14 5.58
N GLY A 65 -17.67 -2.60 4.36
CA GLY A 65 -18.82 -2.60 3.49
C GLY A 65 -18.65 -3.54 2.30
N ILE A 66 -17.46 -4.10 2.15
CA ILE A 66 -17.18 -5.01 1.05
C ILE A 66 -17.03 -6.45 1.53
N PHE A 67 -16.97 -6.62 2.86
CA PHE A 67 -16.83 -7.95 3.45
C PHE A 67 -17.76 -8.96 2.78
N THR A 68 -18.90 -8.46 2.30
CA THR A 68 -19.88 -9.30 1.64
C THR A 68 -19.90 -9.02 0.13
N ASP A 69 -19.47 -7.83 -0.26
CA ASP A 69 -19.44 -7.45 -1.66
C ASP A 69 -18.30 -8.16 -2.37
N GLN A 70 -17.18 -8.33 -1.68
CA GLN A 70 -16.02 -9.00 -2.24
C GLN A 70 -16.31 -10.48 -2.46
N VAL A 71 -17.18 -11.04 -1.62
CA VAL A 71 -17.55 -12.45 -1.73
C VAL A 71 -18.69 -12.63 -2.72
N LEU A 72 -19.67 -11.73 -2.67
CA LEU A 72 -20.82 -11.80 -3.56
C LEU A 72 -20.38 -11.71 -5.02
N SER A 73 -19.26 -11.04 -5.25
CA SER A 73 -18.72 -10.89 -6.60
C SER A 73 -18.03 -12.16 -7.06
N VAL A 74 -17.57 -12.97 -6.11
CA VAL A 74 -16.89 -14.22 -6.42
C VAL A 74 -17.78 -15.13 -7.25
N LEU A 75 -19.08 -15.02 -7.02
CA LEU A 75 -20.05 -15.84 -7.76
C LEU A 75 -19.89 -15.62 -9.26
N LYS A 76 -19.32 -14.48 -9.63
CA LYS A 76 -19.11 -14.15 -11.03
C LYS A 76 -18.39 -12.81 -11.18
N GLY A 77 -17.17 -12.86 -11.71
CA GLY A 77 -16.39 -11.67 -11.88
C GLY A 77 -15.15 -11.66 -11.00
N GLU A 78 -15.07 -12.63 -10.09
CA GLU A 78 -13.94 -12.76 -9.18
C GLU A 78 -13.53 -11.40 -8.60
N GLU A 79 -14.52 -10.53 -8.44
CA GLU A 79 -14.27 -9.19 -7.90
C GLU A 79 -14.19 -9.24 -6.38
N THR A 13 13.32 10.55 -23.89
CA THR A 13 13.38 9.25 -23.16
C THR A 13 11.98 8.66 -22.96
N PHE A 14 11.27 9.16 -21.95
CA PHE A 14 9.93 8.69 -21.62
C PHE A 14 9.98 7.43 -20.77
N LEU A 15 10.84 6.50 -21.15
CA LEU A 15 10.99 5.25 -20.41
C LEU A 15 11.88 5.46 -19.20
N THR A 16 12.85 6.36 -19.33
CA THR A 16 13.77 6.66 -18.23
C THR A 16 13.05 7.45 -17.14
N GLN A 17 12.02 8.18 -17.53
CA GLN A 17 11.25 8.97 -16.56
C GLN A 17 10.60 8.05 -15.53
N VAL A 18 9.88 7.04 -16.02
CA VAL A 18 9.21 6.10 -15.15
C VAL A 18 10.24 5.37 -14.30
N LYS A 19 11.40 5.10 -14.90
CA LYS A 19 12.48 4.44 -14.20
C LYS A 19 12.83 5.21 -12.94
N GLU A 20 12.55 6.52 -12.96
CA GLU A 20 12.82 7.37 -11.81
C GLU A 20 11.72 7.20 -10.75
N SER A 21 10.58 6.69 -11.20
CA SER A 21 9.45 6.47 -10.31
C SER A 21 9.36 5.00 -9.90
N LEU A 22 9.34 4.10 -10.87
CA LEU A 22 9.26 2.67 -10.59
C LEU A 22 10.45 2.24 -9.74
N SER A 23 11.50 3.06 -9.74
CA SER A 23 12.70 2.78 -8.96
C SER A 23 12.76 3.66 -7.71
N SER A 24 11.94 4.71 -7.69
CA SER A 24 11.92 5.62 -6.54
C SER A 24 11.28 4.97 -5.32
N TYR A 25 10.64 3.81 -5.54
CA TYR A 25 10.00 3.08 -4.46
C TYR A 25 10.86 1.90 -4.04
N TRP A 26 11.83 1.56 -4.89
CA TRP A 26 12.75 0.47 -4.60
C TRP A 26 13.97 1.00 -3.87
N GLU A 27 14.30 2.26 -4.16
CA GLU A 27 15.43 2.91 -3.51
C GLU A 27 15.01 3.50 -2.17
N SER A 28 13.71 3.72 -2.00
CA SER A 28 13.18 4.27 -0.77
C SER A 28 13.05 3.17 0.28
N ALA A 29 12.53 2.02 -0.16
CA ALA A 29 12.37 0.88 0.73
C ALA A 29 13.68 0.59 1.46
N LYS A 30 14.78 0.89 0.79
CA LYS A 30 16.11 0.67 1.37
C LYS A 30 16.54 1.90 2.17
N THR A 31 16.04 3.07 1.77
CA THR A 31 16.38 4.31 2.47
C THR A 31 15.67 4.38 3.81
N ALA A 32 14.50 3.76 3.90
CA ALA A 32 13.73 3.75 5.14
C ALA A 32 13.66 2.34 5.73
N ALA A 33 14.60 1.49 5.34
CA ALA A 33 14.65 0.11 5.84
C ALA A 33 15.53 0.02 7.08
N GLN A 34 16.77 0.48 6.95
CA GLN A 34 17.71 0.45 8.05
C GLN A 34 17.14 1.16 9.28
N ASN A 35 16.20 2.07 9.04
CA ASN A 35 15.57 2.82 10.12
C ASN A 35 14.54 1.95 10.83
N LEU A 36 13.51 1.54 10.09
CA LEU A 36 12.45 0.70 10.64
C LEU A 36 13.03 -0.58 11.25
N TYR A 37 14.09 -1.10 10.64
CA TYR A 37 14.72 -2.32 11.13
C TYR A 37 15.24 -2.13 12.56
N GLU A 38 15.39 -0.89 12.97
CA GLU A 38 15.87 -0.57 14.30
C GLU A 38 14.81 -0.92 15.35
N LYS A 39 13.55 -0.79 14.98
CA LYS A 39 12.45 -1.11 15.87
C LYS A 39 11.98 -2.55 15.70
N THR A 40 12.81 -3.37 15.05
CA THR A 40 12.48 -4.77 14.82
C THR A 40 11.04 -4.94 14.33
N TYR A 41 10.62 -4.07 13.43
CA TYR A 41 9.27 -4.12 12.88
C TYR A 41 9.28 -4.69 11.46
N LEU A 42 10.26 -5.53 11.17
CA LEU A 42 10.39 -6.14 9.86
C LEU A 42 10.07 -7.63 9.90
N PRO A 43 10.71 -8.40 10.79
CA PRO A 43 10.48 -9.84 10.90
C PRO A 43 9.06 -10.18 11.36
N ALA A 44 8.29 -9.18 11.76
CA ALA A 44 6.92 -9.40 12.23
C ALA A 44 5.91 -8.58 11.43
N VAL A 45 6.38 -7.87 10.40
CA VAL A 45 5.48 -7.06 9.58
C VAL A 45 4.56 -7.96 8.75
N ASP A 46 5.02 -9.17 8.48
CA ASP A 46 4.25 -10.12 7.71
C ASP A 46 3.22 -10.82 8.59
N GLU A 47 3.43 -10.79 9.90
CA GLU A 47 2.52 -11.43 10.84
C GLU A 47 2.20 -10.52 12.02
N LYS A 48 2.22 -9.21 11.78
CA LYS A 48 1.92 -8.25 12.85
C LYS A 48 1.64 -6.86 12.28
N LEU A 49 2.60 -6.31 11.54
CA LEU A 49 2.42 -4.99 10.94
C LEU A 49 1.71 -5.13 9.60
N ARG A 50 0.71 -6.00 9.56
CA ARG A 50 -0.06 -6.26 8.35
C ARG A 50 -1.16 -7.29 8.61
N ASP A 51 -0.93 -8.17 9.59
CA ASP A 51 -1.91 -9.20 9.93
C ASP A 51 -2.55 -8.92 11.29
N LEU A 52 -1.79 -8.30 12.17
CA LEU A 52 -2.30 -7.95 13.50
C LEU A 52 -2.92 -6.56 13.51
N TYR A 53 -3.22 -6.05 12.32
CA TYR A 53 -3.82 -4.73 12.17
C TYR A 53 -5.14 -4.81 11.42
N SER A 54 -5.12 -5.50 10.27
CA SER A 54 -6.31 -5.65 9.44
C SER A 54 -7.09 -4.35 9.38
N LYS A 55 -6.34 -3.25 9.39
CA LYS A 55 -6.92 -1.92 9.35
C LYS A 55 -5.83 -0.89 9.07
N SER A 56 -4.57 -1.24 9.38
CA SER A 56 -3.46 -0.33 9.13
C SER A 56 -3.51 0.17 7.70
N THR A 57 -3.61 -0.78 6.78
CA THR A 57 -3.68 -0.46 5.36
C THR A 57 -4.87 -1.16 4.71
N ALA A 58 -5.80 -1.62 5.53
CA ALA A 58 -7.00 -2.28 5.05
C ALA A 58 -7.90 -1.28 4.35
N ALA A 59 -8.04 -0.11 4.97
CA ALA A 59 -8.86 0.95 4.42
C ALA A 59 -8.19 1.56 3.19
N MET A 60 -6.87 1.43 3.11
CA MET A 60 -6.11 1.97 1.98
C MET A 60 -6.21 1.04 0.78
N SER A 61 -6.56 -0.22 1.01
CA SER A 61 -6.68 -1.20 -0.06
C SER A 61 -7.90 -2.09 0.16
N THR A 62 -9.05 -1.47 0.35
CA THR A 62 -10.29 -2.19 0.56
C THR A 62 -11.13 -2.26 -0.71
N TYR A 63 -10.80 -1.41 -1.68
CA TYR A 63 -11.51 -1.36 -2.94
C TYR A 63 -11.71 -2.77 -3.49
N THR A 64 -10.80 -3.68 -3.14
CA THR A 64 -10.89 -5.06 -3.59
C THR A 64 -12.29 -5.60 -3.33
N GLY A 65 -12.96 -5.05 -2.32
CA GLY A 65 -14.31 -5.47 -1.99
C GLY A 65 -15.35 -4.42 -2.32
N ILE A 66 -14.89 -3.23 -2.69
CA ILE A 66 -15.80 -2.14 -3.03
C ILE A 66 -15.92 -1.96 -4.53
N PHE A 67 -15.00 -2.59 -5.28
CA PHE A 67 -14.99 -2.50 -6.74
C PHE A 67 -16.41 -2.62 -7.30
N THR A 68 -17.25 -3.39 -6.60
CA THR A 68 -18.64 -3.58 -7.02
C THR A 68 -19.57 -2.73 -6.18
N ASP A 69 -19.16 -2.43 -4.95
CA ASP A 69 -19.96 -1.61 -4.05
C ASP A 69 -19.99 -0.17 -4.52
N GLN A 70 -18.86 0.30 -5.04
CA GLN A 70 -18.76 1.67 -5.54
C GLN A 70 -19.66 1.86 -6.75
N VAL A 71 -19.87 0.79 -7.51
CA VAL A 71 -20.71 0.83 -8.69
C VAL A 71 -22.19 0.69 -8.31
N LEU A 72 -22.48 -0.25 -7.42
CA LEU A 72 -23.84 -0.49 -6.98
C LEU A 72 -24.42 0.76 -6.31
N SER A 73 -23.54 1.56 -5.72
CA SER A 73 -23.96 2.79 -5.04
C SER A 73 -24.26 3.89 -6.06
N VAL A 74 -23.64 3.79 -7.24
CA VAL A 74 -23.83 4.78 -8.29
C VAL A 74 -25.31 4.87 -8.66
N LEU A 75 -26.01 3.77 -8.51
CA LEU A 75 -27.44 3.74 -8.82
C LEU A 75 -28.24 3.96 -7.54
N LYS A 76 -27.62 4.62 -6.56
CA LYS A 76 -28.27 4.90 -5.29
C LYS A 76 -27.24 5.28 -4.24
N GLY A 77 -27.01 6.57 -4.14
CA GLY A 77 -26.01 7.08 -3.22
C GLY A 77 -24.87 7.69 -4.00
N GLU A 78 -24.87 7.44 -5.30
CA GLU A 78 -23.84 7.96 -6.17
C GLU A 78 -24.33 8.06 -7.62
N GLU A 79 -25.59 8.46 -7.78
CA GLU A 79 -26.18 8.60 -9.10
C GLU A 79 -26.24 10.07 -9.51
N THR A 13 19.77 6.04 -18.94
CA THR A 13 18.49 6.76 -18.72
C THR A 13 18.72 8.00 -17.85
N PHE A 14 18.04 9.09 -18.20
CA PHE A 14 18.15 10.34 -17.45
C PHE A 14 16.87 10.59 -16.67
N LEU A 15 15.74 10.26 -17.27
CA LEU A 15 14.44 10.44 -16.63
C LEU A 15 14.13 9.25 -15.72
N THR A 16 14.69 8.09 -16.05
CA THR A 16 14.47 6.89 -15.26
C THR A 16 15.28 6.95 -13.97
N GLN A 17 16.40 7.66 -14.00
CA GLN A 17 17.23 7.79 -12.81
C GLN A 17 16.46 8.50 -11.70
N VAL A 18 15.88 9.67 -12.03
CA VAL A 18 15.12 10.42 -11.05
C VAL A 18 13.92 9.61 -10.60
N LYS A 19 13.36 8.85 -11.53
CA LYS A 19 12.22 7.99 -11.22
C LYS A 19 12.55 7.07 -10.06
N GLU A 20 13.84 6.79 -9.88
CA GLU A 20 14.29 5.94 -8.80
C GLU A 20 14.35 6.73 -7.50
N SER A 21 14.48 8.06 -7.63
CA SER A 21 14.55 8.95 -6.49
C SER A 21 13.17 9.51 -6.15
N LEU A 22 12.51 10.10 -7.15
CA LEU A 22 11.17 10.65 -6.93
C LEU A 22 10.22 9.56 -6.43
N SER A 23 10.60 8.31 -6.68
CA SER A 23 9.80 7.17 -6.26
C SER A 23 10.34 6.58 -4.96
N SER A 24 11.59 6.91 -4.62
CA SER A 24 12.21 6.41 -3.40
C SER A 24 11.44 6.86 -2.17
N TYR A 25 10.63 7.90 -2.33
CA TYR A 25 9.83 8.41 -1.22
C TYR A 25 8.41 7.86 -1.30
N TRP A 26 8.08 7.30 -2.46
CA TRP A 26 6.77 6.70 -2.66
C TRP A 26 6.82 5.23 -2.29
N GLU A 27 8.01 4.65 -2.38
CA GLU A 27 8.21 3.25 -2.03
C GLU A 27 8.46 3.11 -0.54
N SER A 28 8.87 4.20 0.10
CA SER A 28 9.14 4.21 1.52
C SER A 28 7.83 4.32 2.30
N ALA A 29 6.99 5.24 1.86
CA ALA A 29 5.69 5.44 2.50
C ALA A 29 4.96 4.11 2.63
N LYS A 30 5.22 3.21 1.70
CA LYS A 30 4.60 1.89 1.71
C LYS A 30 5.43 0.93 2.55
N THR A 31 6.73 1.18 2.63
CA THR A 31 7.63 0.34 3.41
C THR A 31 7.37 0.51 4.90
N ALA A 32 6.91 1.71 5.29
CA ALA A 32 6.61 1.99 6.69
C ALA A 32 5.14 1.80 7.01
N ALA A 33 4.39 1.28 6.03
CA ALA A 33 2.96 1.05 6.22
C ALA A 33 2.71 -0.39 6.67
N GLN A 34 3.27 -1.34 5.93
CA GLN A 34 3.12 -2.75 6.26
C GLN A 34 3.70 -3.04 7.64
N ASN A 35 4.58 -2.16 8.12
CA ASN A 35 5.20 -2.32 9.42
C ASN A 35 4.21 -1.98 10.53
N LEU A 36 3.77 -0.73 10.54
CA LEU A 36 2.82 -0.27 11.56
C LEU A 36 1.51 -1.05 11.48
N TYR A 37 1.07 -1.33 10.25
CA TYR A 37 -0.17 -2.08 10.04
C TYR A 37 -0.01 -3.54 10.46
N GLU A 38 1.23 -3.96 10.69
CA GLU A 38 1.51 -5.33 11.09
C GLU A 38 1.35 -5.49 12.60
N LYS A 39 1.58 -4.40 13.33
CA LYS A 39 1.46 -4.43 14.79
C LYS A 39 0.19 -3.71 15.24
N THR A 40 -0.81 -3.66 14.37
CA THR A 40 -2.06 -2.99 14.69
C THR A 40 -3.23 -3.58 13.88
N TYR A 41 -2.98 -3.82 12.60
CA TYR A 41 -3.99 -4.37 11.72
C TYR A 41 -3.83 -5.87 11.55
N LEU A 42 -3.35 -6.52 12.61
CA LEU A 42 -3.14 -7.96 12.58
C LEU A 42 -4.42 -8.71 12.97
N PRO A 43 -4.96 -8.43 14.16
CA PRO A 43 -6.19 -9.07 14.65
C PRO A 43 -7.46 -8.36 14.15
N ALA A 44 -7.57 -8.22 12.84
CA ALA A 44 -8.72 -7.57 12.24
C ALA A 44 -8.48 -7.34 10.76
N VAL A 45 -7.90 -8.33 10.11
CA VAL A 45 -7.64 -8.25 8.67
C VAL A 45 -8.86 -8.72 7.93
N ASP A 46 -10.02 -8.38 8.47
CA ASP A 46 -11.28 -8.80 7.90
C ASP A 46 -11.41 -10.28 8.18
N GLU A 47 -10.82 -10.69 9.32
CA GLU A 47 -10.79 -12.08 9.74
C GLU A 47 -9.52 -12.74 9.25
N LYS A 48 -8.46 -11.93 9.04
CA LYS A 48 -7.18 -12.47 8.57
C LYS A 48 -7.23 -12.67 7.06
N LEU A 49 -7.84 -11.72 6.36
CA LEU A 49 -7.96 -11.80 4.90
C LEU A 49 -6.59 -11.75 4.24
N ARG A 50 -5.76 -10.81 4.68
CA ARG A 50 -4.41 -10.65 4.13
C ARG A 50 -3.40 -11.41 4.98
N ASP A 51 -3.62 -11.42 6.29
CA ASP A 51 -2.71 -12.11 7.20
C ASP A 51 -2.71 -13.61 6.93
N LEU A 52 -3.89 -14.15 6.66
CA LEU A 52 -4.03 -15.57 6.36
C LEU A 52 -3.71 -15.87 4.90
N TYR A 53 -3.17 -14.88 4.20
CA TYR A 53 -2.84 -15.02 2.79
C TYR A 53 -1.34 -15.22 2.63
N SER A 54 -0.57 -14.57 3.49
CA SER A 54 0.89 -14.66 3.45
C SER A 54 1.42 -14.20 2.11
N LYS A 55 0.94 -13.05 1.66
CA LYS A 55 1.36 -12.49 0.38
C LYS A 55 1.10 -13.47 -0.75
N SER A 56 0.19 -14.42 -0.52
CA SER A 56 -0.15 -15.41 -1.55
C SER A 56 -0.61 -14.70 -2.81
N THR A 57 -1.65 -13.88 -2.66
CA THR A 57 -2.19 -13.13 -3.77
C THR A 57 -2.49 -11.69 -3.37
N ALA A 58 -1.91 -11.26 -2.26
CA ALA A 58 -2.09 -9.91 -1.77
C ALA A 58 -1.36 -8.93 -2.68
N ALA A 59 -0.14 -9.30 -3.04
CA ALA A 59 0.67 -8.48 -3.93
C ALA A 59 0.13 -8.55 -5.36
N MET A 60 -0.60 -9.62 -5.66
CA MET A 60 -1.17 -9.79 -6.99
C MET A 60 -2.46 -8.99 -7.15
N SER A 61 -3.04 -8.57 -6.03
CA SER A 61 -4.28 -7.80 -6.06
C SER A 61 -4.51 -7.09 -4.73
N THR A 62 -3.63 -6.16 -4.40
CA THR A 62 -3.74 -5.41 -3.15
C THR A 62 -4.51 -4.12 -3.36
N TYR A 63 -4.60 -3.68 -4.61
CA TYR A 63 -5.32 -2.46 -4.95
C TYR A 63 -6.67 -2.43 -4.27
N THR A 64 -7.23 -3.62 -4.01
CA THR A 64 -8.51 -3.72 -3.35
C THR A 64 -8.54 -2.86 -2.09
N GLY A 65 -7.36 -2.64 -1.51
CA GLY A 65 -7.27 -1.83 -0.31
C GLY A 65 -7.31 -0.34 -0.61
N ILE A 66 -7.01 0.03 -1.85
CA ILE A 66 -7.01 1.43 -2.25
C ILE A 66 -8.14 1.73 -3.25
N PHE A 67 -8.72 0.67 -3.81
CA PHE A 67 -9.81 0.83 -4.78
C PHE A 67 -10.80 1.89 -4.33
N THR A 68 -10.96 2.03 -3.02
CA THR A 68 -11.86 3.02 -2.45
C THR A 68 -11.08 4.14 -1.79
N ASP A 69 -9.85 3.87 -1.42
CA ASP A 69 -9.00 4.87 -0.78
C ASP A 69 -8.53 5.90 -1.79
N GLN A 70 -8.23 5.44 -3.01
CA GLN A 70 -7.78 6.33 -4.06
C GLN A 70 -8.90 7.27 -4.49
N VAL A 71 -10.13 6.78 -4.42
CA VAL A 71 -11.29 7.57 -4.80
C VAL A 71 -11.84 8.35 -3.61
N LEU A 72 -11.79 7.74 -2.43
CA LEU A 72 -12.28 8.38 -1.21
C LEU A 72 -11.52 9.66 -0.93
N SER A 73 -10.27 9.70 -1.38
CA SER A 73 -9.43 10.88 -1.18
C SER A 73 -9.78 11.99 -2.16
N VAL A 74 -10.33 11.60 -3.31
CA VAL A 74 -10.71 12.56 -4.33
C VAL A 74 -11.71 13.58 -3.77
N LEU A 75 -12.52 13.14 -2.82
CA LEU A 75 -13.51 14.01 -2.20
C LEU A 75 -12.83 15.23 -1.58
N LYS A 76 -11.54 15.08 -1.27
CA LYS A 76 -10.76 16.17 -0.69
C LYS A 76 -9.30 15.78 -0.58
N GLY A 77 -8.46 16.48 -1.34
CA GLY A 77 -7.04 16.20 -1.34
C GLY A 77 -6.57 15.64 -2.67
N GLU A 78 -7.52 15.37 -3.57
CA GLU A 78 -7.22 14.83 -4.88
C GLU A 78 -6.19 13.70 -4.80
N GLU A 79 -6.20 12.98 -3.69
CA GLU A 79 -5.27 11.88 -3.48
C GLU A 79 -5.96 10.54 -3.66
N THR A 13 1.87 -2.86 -18.61
CA THR A 13 0.62 -2.17 -19.05
C THR A 13 -0.13 -1.58 -17.85
N PHE A 14 -1.00 -2.38 -17.24
CA PHE A 14 -1.78 -1.93 -16.09
C PHE A 14 -0.91 -1.93 -14.85
N LEU A 15 0.13 -2.76 -14.86
CA LEU A 15 1.05 -2.86 -13.73
C LEU A 15 2.10 -1.75 -13.79
N THR A 16 2.41 -1.30 -14.99
CA THR A 16 3.40 -0.25 -15.19
C THR A 16 2.91 1.08 -14.63
N GLN A 17 1.60 1.32 -14.75
CA GLN A 17 1.02 2.56 -14.24
C GLN A 17 1.19 2.62 -12.73
N VAL A 18 0.76 1.56 -12.04
CA VAL A 18 0.87 1.51 -10.59
C VAL A 18 2.33 1.56 -10.19
N LYS A 19 3.17 0.94 -11.00
CA LYS A 19 4.61 0.94 -10.75
C LYS A 19 5.11 2.37 -10.61
N GLU A 20 4.39 3.30 -11.23
CA GLU A 20 4.76 4.71 -11.16
C GLU A 20 4.32 5.29 -9.82
N SER A 21 3.35 4.64 -9.19
CA SER A 21 2.83 5.08 -7.90
C SER A 21 3.45 4.29 -6.76
N LEU A 22 3.36 2.96 -6.84
CA LEU A 22 3.92 2.10 -5.80
C LEU A 22 5.41 2.38 -5.65
N SER A 23 6.00 2.95 -6.69
CA SER A 23 7.43 3.29 -6.68
C SER A 23 7.62 4.75 -6.28
N SER A 24 6.57 5.56 -6.46
CA SER A 24 6.64 6.97 -6.10
C SER A 24 6.42 7.18 -4.61
N TYR A 25 6.04 6.10 -3.92
CA TYR A 25 5.81 6.15 -2.49
C TYR A 25 6.82 5.24 -1.76
N TRP A 26 7.60 4.50 -2.55
CA TRP A 26 8.61 3.61 -2.00
C TRP A 26 9.93 4.35 -1.89
N GLU A 27 10.11 5.35 -2.75
CA GLU A 27 11.33 6.15 -2.75
C GLU A 27 11.24 7.27 -1.72
N SER A 28 10.01 7.64 -1.38
CA SER A 28 9.79 8.69 -0.40
C SER A 28 9.91 8.12 1.01
N ALA A 29 9.37 6.93 1.19
CA ALA A 29 9.44 6.26 2.48
C ALA A 29 10.88 6.20 2.95
N LYS A 30 11.80 6.18 2.00
CA LYS A 30 13.22 6.15 2.32
C LYS A 30 13.69 7.54 2.71
N THR A 31 13.02 8.57 2.17
CA THR A 31 13.37 9.95 2.48
C THR A 31 13.40 10.18 3.98
N ALA A 32 12.45 9.57 4.70
CA ALA A 32 12.39 9.73 6.15
C ALA A 32 11.26 8.90 6.76
N ALA A 33 11.02 7.73 6.20
CA ALA A 33 9.97 6.84 6.71
C ALA A 33 10.57 5.52 7.15
N GLN A 34 11.57 5.04 6.42
CA GLN A 34 12.23 3.79 6.76
C GLN A 34 13.20 3.97 7.92
N ASN A 35 13.51 5.23 8.24
CA ASN A 35 14.41 5.54 9.33
C ASN A 35 13.65 5.58 10.66
N LEU A 36 12.58 6.36 10.68
CA LEU A 36 11.76 6.51 11.88
C LEU A 36 11.03 5.22 12.23
N TYR A 37 10.51 4.53 11.21
CA TYR A 37 9.78 3.28 11.43
C TYR A 37 10.69 2.18 11.99
N GLU A 38 11.99 2.42 11.95
CA GLU A 38 12.95 1.43 12.45
C GLU A 38 13.28 1.68 13.92
N LYS A 39 13.03 2.90 14.39
CA LYS A 39 13.31 3.24 15.78
C LYS A 39 12.09 3.83 16.46
N THR A 40 10.90 3.41 16.02
CA THR A 40 9.66 3.90 16.59
C THR A 40 8.87 2.77 17.25
N TYR A 41 8.21 1.97 16.42
CA TYR A 41 7.42 0.84 16.90
C TYR A 41 7.44 -0.31 15.92
N LEU A 42 8.55 -0.43 15.18
CA LEU A 42 8.72 -1.49 14.18
C LEU A 42 7.42 -1.78 13.42
N PRO A 43 6.94 -0.80 12.64
CA PRO A 43 5.71 -0.92 11.86
C PRO A 43 5.95 -1.57 10.50
N ALA A 44 7.01 -2.36 10.39
CA ALA A 44 7.33 -3.02 9.13
C ALA A 44 6.67 -4.39 9.03
N VAL A 45 6.16 -4.86 10.16
CA VAL A 45 5.48 -6.16 10.19
C VAL A 45 4.21 -6.10 9.37
N ASP A 46 3.59 -4.93 9.36
CA ASP A 46 2.36 -4.72 8.59
C ASP A 46 2.69 -4.48 7.12
N GLU A 47 3.98 -4.31 6.82
CA GLU A 47 4.42 -4.07 5.45
C GLU A 47 5.64 -4.92 5.11
N LYS A 48 5.76 -6.06 5.78
CA LYS A 48 6.90 -6.96 5.55
C LYS A 48 6.63 -8.35 6.12
N LEU A 49 6.49 -8.45 7.44
CA LEU A 49 6.24 -9.72 8.09
C LEU A 49 4.90 -10.31 7.65
N ARG A 50 4.03 -9.44 7.14
CA ARG A 50 2.71 -9.87 6.68
C ARG A 50 2.35 -9.21 5.35
N ASP A 51 3.35 -8.63 4.68
CA ASP A 51 3.13 -7.98 3.40
C ASP A 51 4.12 -8.45 2.34
N LEU A 52 5.07 -9.29 2.73
CA LEU A 52 6.06 -9.82 1.80
C LEU A 52 5.49 -10.99 0.99
N TYR A 53 4.19 -11.22 1.12
CA TYR A 53 3.52 -12.29 0.41
C TYR A 53 2.89 -11.77 -0.87
N SER A 54 1.96 -10.84 -0.72
CA SER A 54 1.27 -10.24 -1.85
C SER A 54 0.83 -11.32 -2.83
N LYS A 55 0.24 -12.36 -2.27
CA LYS A 55 -0.25 -13.50 -3.04
C LYS A 55 -0.82 -14.55 -2.09
N SER A 56 -0.30 -14.59 -0.87
CA SER A 56 -0.79 -15.54 0.12
C SER A 56 -2.29 -15.35 0.34
N THR A 57 -2.70 -14.08 0.40
CA THR A 57 -4.10 -13.74 0.58
C THR A 57 -4.43 -12.44 -0.14
N ALA A 58 -3.62 -12.11 -1.14
CA ALA A 58 -3.84 -10.90 -1.93
C ALA A 58 -5.05 -11.07 -2.82
N ALA A 59 -5.07 -12.17 -3.56
CA ALA A 59 -6.18 -12.47 -4.46
C ALA A 59 -7.45 -12.74 -3.65
N MET A 60 -7.28 -13.22 -2.43
CA MET A 60 -8.42 -13.51 -1.56
C MET A 60 -8.87 -12.25 -0.81
N SER A 61 -8.01 -11.25 -0.80
CA SER A 61 -8.31 -9.99 -0.12
C SER A 61 -7.68 -8.81 -0.86
N THR A 62 -8.02 -8.69 -2.13
CA THR A 62 -7.50 -7.60 -2.96
C THR A 62 -8.34 -6.35 -2.80
N TYR A 63 -9.55 -6.52 -2.27
CA TYR A 63 -10.45 -5.39 -2.05
C TYR A 63 -9.70 -4.24 -1.37
N THR A 64 -8.65 -4.59 -0.63
CA THR A 64 -7.84 -3.60 0.05
C THR A 64 -7.47 -2.47 -0.90
N GLY A 65 -7.38 -2.80 -2.19
CA GLY A 65 -7.05 -1.80 -3.18
C GLY A 65 -8.20 -0.84 -3.43
N ILE A 66 -9.42 -1.30 -3.17
CA ILE A 66 -10.60 -0.47 -3.36
C ILE A 66 -11.17 -0.01 -2.02
N PHE A 67 -10.76 -0.67 -0.94
CA PHE A 67 -11.23 -0.33 0.40
C PHE A 67 -11.28 1.20 0.58
N THR A 68 -10.37 1.89 -0.09
CA THR A 68 -10.31 3.34 0.00
C THR A 68 -10.95 3.97 -1.24
N ASP A 69 -10.90 3.24 -2.35
CA ASP A 69 -11.49 3.73 -3.60
C ASP A 69 -13.01 3.75 -3.50
N GLN A 70 -13.56 2.74 -2.85
CA GLN A 70 -15.00 2.65 -2.68
C GLN A 70 -15.52 3.78 -1.80
N VAL A 71 -14.67 4.25 -0.89
CA VAL A 71 -15.03 5.34 0.01
C VAL A 71 -14.74 6.68 -0.62
N LEU A 72 -13.60 6.79 -1.30
CA LEU A 72 -13.21 8.03 -1.97
C LEU A 72 -14.25 8.45 -2.99
N SER A 73 -14.94 7.48 -3.56
CA SER A 73 -15.97 7.75 -4.56
C SER A 73 -17.26 8.25 -3.90
N VAL A 74 -17.42 7.92 -2.62
CA VAL A 74 -18.61 8.33 -1.88
C VAL A 74 -18.73 9.86 -1.88
N LEU A 75 -17.58 10.54 -1.91
CA LEU A 75 -17.58 12.00 -1.93
C LEU A 75 -18.42 12.53 -3.08
N LYS A 76 -18.59 11.70 -4.12
CA LYS A 76 -19.37 12.08 -5.28
C LYS A 76 -19.58 10.88 -6.20
N GLY A 77 -20.83 10.46 -6.32
CA GLY A 77 -21.15 9.32 -7.15
C GLY A 77 -21.60 8.12 -6.33
N GLU A 78 -21.50 8.24 -5.00
CA GLU A 78 -21.91 7.17 -4.10
C GLU A 78 -21.39 5.82 -4.58
N GLU A 79 -20.24 5.83 -5.24
CA GLU A 79 -19.65 4.60 -5.76
C GLU A 79 -18.82 3.91 -4.68
N THR A 13 25.94 -15.68 -10.61
CA THR A 13 26.32 -15.12 -11.94
C THR A 13 25.17 -14.29 -12.53
N PHE A 14 24.27 -14.95 -13.26
CA PHE A 14 23.13 -14.28 -13.86
C PHE A 14 22.05 -14.01 -12.82
N LEU A 15 22.06 -14.81 -11.75
CA LEU A 15 21.08 -14.67 -10.68
C LEU A 15 21.58 -13.67 -9.64
N THR A 16 22.90 -13.57 -9.50
CA THR A 16 23.50 -12.65 -8.54
C THR A 16 23.37 -11.21 -9.02
N GLN A 17 23.44 -11.01 -10.33
CA GLN A 17 23.32 -9.68 -10.90
C GLN A 17 21.95 -9.09 -10.56
N VAL A 18 20.89 -9.85 -10.85
CA VAL A 18 19.54 -9.40 -10.57
C VAL A 18 19.37 -9.20 -9.07
N LYS A 19 20.03 -10.05 -8.29
CA LYS A 19 19.97 -9.96 -6.85
C LYS A 19 20.40 -8.56 -6.41
N GLU A 20 21.21 -7.92 -7.24
CA GLU A 20 21.68 -6.57 -6.95
C GLU A 20 20.60 -5.56 -7.31
N SER A 21 19.74 -5.94 -8.26
CA SER A 21 18.66 -5.08 -8.72
C SER A 21 17.39 -5.32 -7.91
N LEU A 22 16.99 -6.60 -7.82
CA LEU A 22 15.79 -6.94 -7.07
C LEU A 22 15.91 -6.49 -5.62
N SER A 23 17.15 -6.22 -5.20
CA SER A 23 17.42 -5.78 -3.84
C SER A 23 17.73 -4.27 -3.80
N SER A 24 17.97 -3.69 -4.97
CA SER A 24 18.27 -2.25 -5.05
C SER A 24 17.08 -1.39 -4.66
N TYR A 25 15.92 -2.01 -4.55
CA TYR A 25 14.71 -1.29 -4.17
C TYR A 25 14.27 -1.71 -2.77
N TRP A 26 14.92 -2.73 -2.23
CA TRP A 26 14.61 -3.22 -0.89
C TRP A 26 15.54 -2.57 0.11
N GLU A 27 16.73 -2.19 -0.35
CA GLU A 27 17.71 -1.55 0.50
C GLU A 27 17.49 -0.04 0.49
N SER A 28 16.85 0.45 -0.57
CA SER A 28 16.57 1.87 -0.69
C SER A 28 15.33 2.23 0.12
N ALA A 29 14.33 1.37 0.04
CA ALA A 29 13.09 1.57 0.79
C ALA A 29 13.40 1.84 2.26
N LYS A 30 14.51 1.28 2.73
CA LYS A 30 14.93 1.46 4.11
C LYS A 30 15.79 2.71 4.26
N THR A 31 16.47 3.10 3.17
CA THR A 31 17.32 4.28 3.20
C THR A 31 16.49 5.55 3.10
N ALA A 32 15.36 5.45 2.41
CA ALA A 32 14.47 6.60 2.23
C ALA A 32 13.27 6.53 3.18
N ALA A 33 13.31 5.58 4.12
CA ALA A 33 12.23 5.42 5.09
C ALA A 33 12.50 6.27 6.33
N GLN A 34 13.69 6.11 6.90
CA GLN A 34 14.08 6.85 8.09
C GLN A 34 14.01 8.36 7.83
N ASN A 35 14.09 8.74 6.56
CA ASN A 35 14.04 10.14 6.19
C ASN A 35 12.60 10.65 6.20
N LEU A 36 11.78 10.08 5.33
CA LEU A 36 10.37 10.48 5.25
C LEU A 36 9.66 10.27 6.57
N TYR A 37 10.12 9.28 7.33
CA TYR A 37 9.53 8.99 8.64
C TYR A 37 9.78 10.13 9.62
N GLU A 38 10.70 11.02 9.28
CA GLU A 38 11.03 12.16 10.13
C GLU A 38 9.95 13.22 10.04
N LYS A 39 9.31 13.32 8.87
CA LYS A 39 8.25 14.29 8.66
C LYS A 39 6.87 13.69 8.92
N THR A 40 6.85 12.58 9.66
CA THR A 40 5.60 11.90 9.98
C THR A 40 4.93 11.34 8.73
N TYR A 41 5.70 11.20 7.65
CA TYR A 41 5.19 10.66 6.39
C TYR A 41 3.81 11.22 6.07
N LEU A 42 3.59 12.46 6.48
CA LEU A 42 2.31 13.12 6.23
C LEU A 42 2.49 14.43 5.45
N PRO A 43 3.20 14.37 4.31
CA PRO A 43 3.45 15.56 3.48
C PRO A 43 2.22 15.95 2.67
N ALA A 44 1.29 16.65 3.31
CA ALA A 44 0.07 17.09 2.64
C ALA A 44 -0.78 15.91 2.20
N VAL A 45 -0.51 14.73 2.76
CA VAL A 45 -1.26 13.53 2.42
C VAL A 45 -2.74 13.73 2.73
N ASP A 46 -3.00 14.51 3.78
CA ASP A 46 -4.37 14.79 4.18
C ASP A 46 -5.02 15.78 3.23
N GLU A 47 -4.20 16.51 2.47
CA GLU A 47 -4.70 17.49 1.52
C GLU A 47 -4.05 17.30 0.15
N LYS A 48 -3.72 16.07 -0.20
CA LYS A 48 -3.11 15.77 -1.49
C LYS A 48 -3.18 14.28 -1.82
N LEU A 49 -2.66 13.45 -0.93
CA LEU A 49 -2.69 12.01 -1.14
C LEU A 49 -4.00 11.44 -0.62
N ARG A 50 -5.08 12.17 -0.87
CA ARG A 50 -6.41 11.77 -0.44
C ARG A 50 -7.48 12.67 -1.06
N ASP A 51 -7.11 13.93 -1.33
CA ASP A 51 -8.05 14.87 -1.93
C ASP A 51 -7.92 14.89 -3.44
N LEU A 52 -6.73 14.56 -3.94
CA LEU A 52 -6.48 14.53 -5.37
C LEU A 52 -6.75 13.14 -5.95
N TYR A 53 -7.44 12.30 -5.18
CA TYR A 53 -7.77 10.96 -5.60
C TYR A 53 -9.27 10.80 -5.83
N SER A 54 -10.05 11.38 -4.92
CA SER A 54 -11.51 11.32 -5.02
C SER A 54 -11.99 9.87 -5.01
N LYS A 55 -11.62 9.15 -3.96
CA LYS A 55 -12.01 7.76 -3.83
C LYS A 55 -11.49 6.93 -4.99
N SER A 56 -10.46 7.44 -5.67
CA SER A 56 -9.87 6.74 -6.81
C SER A 56 -9.56 5.30 -6.43
N THR A 57 -9.01 5.11 -5.23
CA THR A 57 -8.68 3.78 -4.74
C THR A 57 -8.91 3.68 -3.24
N ALA A 58 -9.73 4.58 -2.71
CA ALA A 58 -10.05 4.58 -1.30
C ALA A 58 -11.12 3.55 -1.01
N ALA A 59 -12.13 3.50 -1.88
CA ALA A 59 -13.22 2.55 -1.74
C ALA A 59 -12.76 1.15 -2.15
N MET A 60 -11.66 1.08 -2.89
CA MET A 60 -11.11 -0.19 -3.35
C MET A 60 -10.26 -0.84 -2.25
N SER A 61 -9.69 -0.01 -1.39
CA SER A 61 -8.86 -0.51 -0.30
C SER A 61 -9.64 -0.57 1.01
N THR A 62 -10.95 -0.79 0.90
CA THR A 62 -11.80 -0.88 2.08
C THR A 62 -12.13 -2.32 2.40
N TYR A 63 -11.88 -3.21 1.44
CA TYR A 63 -12.14 -4.63 1.63
C TYR A 63 -11.63 -5.10 2.98
N THR A 64 -10.60 -4.43 3.49
CA THR A 64 -10.03 -4.77 4.79
C THR A 64 -11.13 -4.93 5.83
N GLY A 65 -12.25 -4.24 5.61
CA GLY A 65 -13.37 -4.34 6.54
C GLY A 65 -14.46 -5.28 6.05
N ILE A 66 -14.40 -5.63 4.77
CA ILE A 66 -15.40 -6.53 4.19
C ILE A 66 -14.85 -7.95 4.05
N PHE A 67 -13.53 -8.10 4.19
CA PHE A 67 -12.89 -9.41 4.08
C PHE A 67 -13.71 -10.49 4.81
N THR A 68 -14.39 -10.08 5.87
CA THR A 68 -15.20 -11.00 6.65
C THR A 68 -16.68 -10.79 6.36
N ASP A 69 -17.03 -9.59 5.93
CA ASP A 69 -18.42 -9.27 5.62
C ASP A 69 -18.83 -9.93 4.30
N GLN A 70 -17.90 -9.99 3.36
CA GLN A 70 -18.16 -10.60 2.07
C GLN A 70 -18.36 -12.10 2.22
N VAL A 71 -17.67 -12.69 3.19
CA VAL A 71 -17.78 -14.11 3.45
C VAL A 71 -19.06 -14.43 4.23
N LEU A 72 -19.36 -13.60 5.22
CA LEU A 72 -20.55 -13.79 6.04
C LEU A 72 -21.82 -13.65 5.20
N SER A 73 -21.74 -12.83 4.15
CA SER A 73 -22.87 -12.61 3.26
C SER A 73 -23.02 -13.75 2.26
N VAL A 74 -21.92 -14.48 2.03
CA VAL A 74 -21.93 -15.60 1.09
C VAL A 74 -22.96 -16.64 1.50
N LEU A 75 -23.19 -16.74 2.81
CA LEU A 75 -24.17 -17.67 3.32
C LEU A 75 -25.52 -16.99 3.46
N LYS A 76 -25.74 -15.92 2.69
CA LYS A 76 -26.99 -15.17 2.73
C LYS A 76 -26.81 -13.84 2.03
N GLY A 77 -27.15 -13.84 0.75
CA GLY A 77 -27.00 -12.65 -0.06
C GLY A 77 -25.91 -12.87 -1.08
N GLU A 78 -25.15 -13.95 -0.89
CA GLU A 78 -24.08 -14.28 -1.79
C GLU A 78 -23.77 -15.78 -1.76
N GLU A 79 -24.82 -16.60 -1.72
CA GLU A 79 -24.67 -18.04 -1.69
C GLU A 79 -24.88 -18.64 -3.07
N THR A 13 8.76 -18.01 -11.78
CA THR A 13 8.41 -17.75 -13.20
C THR A 13 7.29 -16.73 -13.32
N PHE A 14 6.05 -17.22 -13.32
CA PHE A 14 4.90 -16.33 -13.41
C PHE A 14 4.64 -15.63 -12.08
N LEU A 15 5.09 -16.26 -11.00
CA LEU A 15 4.92 -15.69 -9.67
C LEU A 15 6.02 -14.67 -9.37
N THR A 16 7.19 -14.87 -9.98
CA THR A 16 8.32 -13.96 -9.78
C THR A 16 8.02 -12.60 -10.41
N GLN A 17 7.14 -12.58 -11.41
CA GLN A 17 6.79 -11.34 -12.07
C GLN A 17 6.20 -10.34 -11.07
N VAL A 18 5.21 -10.81 -10.30
CA VAL A 18 4.57 -9.97 -9.30
C VAL A 18 5.60 -9.51 -8.28
N LYS A 19 6.51 -10.42 -7.94
CA LYS A 19 7.56 -10.11 -6.99
C LYS A 19 8.34 -8.88 -7.45
N GLU A 20 8.32 -8.65 -8.76
CA GLU A 20 9.00 -7.49 -9.33
C GLU A 20 8.14 -6.24 -9.17
N SER A 21 6.84 -6.45 -8.96
CA SER A 21 5.89 -5.37 -8.79
C SER A 21 5.60 -5.13 -7.31
N LEU A 22 5.21 -6.18 -6.60
CA LEU A 22 4.91 -6.07 -5.18
C LEU A 22 6.12 -5.52 -4.42
N SER A 23 7.29 -5.65 -5.03
CA SER A 23 8.53 -5.16 -4.45
C SER A 23 8.95 -3.84 -5.08
N SER A 24 8.38 -3.53 -6.24
CA SER A 24 8.71 -2.29 -6.95
C SER A 24 8.01 -1.10 -6.30
N TYR A 25 7.14 -1.37 -5.34
CA TYR A 25 6.41 -0.32 -4.64
C TYR A 25 6.96 -0.15 -3.23
N TRP A 26 7.74 -1.13 -2.79
CA TRP A 26 8.35 -1.09 -1.47
C TRP A 26 9.72 -0.42 -1.57
N GLU A 27 10.37 -0.62 -2.72
CA GLU A 27 11.67 -0.03 -2.97
C GLU A 27 11.51 1.40 -3.46
N SER A 28 10.33 1.71 -3.98
CA SER A 28 10.04 3.05 -4.48
C SER A 28 9.71 3.97 -3.33
N ALA A 29 8.88 3.48 -2.42
CA ALA A 29 8.49 4.25 -1.24
C ALA A 29 9.71 4.84 -0.56
N LYS A 30 10.82 4.10 -0.64
CA LYS A 30 12.07 4.55 -0.04
C LYS A 30 12.86 5.40 -1.04
N THR A 31 12.67 5.12 -2.32
CA THR A 31 13.36 5.88 -3.37
C THR A 31 12.74 7.26 -3.51
N ALA A 32 11.46 7.38 -3.19
CA ALA A 32 10.75 8.65 -3.28
C ALA A 32 10.48 9.23 -1.90
N ALA A 33 11.20 8.74 -0.90
CA ALA A 33 11.03 9.23 0.46
C ALA A 33 12.09 10.26 0.81
N GLN A 34 13.35 9.92 0.54
CA GLN A 34 14.47 10.82 0.80
C GLN A 34 14.33 12.08 -0.03
N ASN A 35 13.57 11.99 -1.12
CA ASN A 35 13.37 13.13 -2.01
C ASN A 35 12.43 14.15 -1.37
N LEU A 36 11.20 13.72 -1.11
CA LEU A 36 10.20 14.60 -0.49
C LEU A 36 10.61 14.93 0.95
N TYR A 37 11.19 13.95 1.63
CA TYR A 37 11.63 14.13 3.00
C TYR A 37 12.62 15.29 3.13
N GLU A 38 13.24 15.64 2.01
CA GLU A 38 14.21 16.73 1.98
C GLU A 38 13.53 18.06 1.69
N LYS A 39 12.40 18.01 0.97
CA LYS A 39 11.65 19.21 0.63
C LYS A 39 10.36 19.33 1.44
N THR A 40 10.20 18.43 2.41
CA THR A 40 9.01 18.44 3.25
C THR A 40 9.32 18.01 4.68
N TYR A 41 10.60 17.77 4.98
CA TYR A 41 11.03 17.36 6.30
C TYR A 41 10.09 16.34 6.92
N LEU A 42 9.47 15.54 6.06
CA LEU A 42 8.54 14.50 6.50
C LEU A 42 7.43 15.10 7.37
N PRO A 43 6.22 15.30 6.81
CA PRO A 43 5.10 15.86 7.57
C PRO A 43 4.74 15.03 8.79
N ALA A 44 4.05 13.92 8.57
CA ALA A 44 3.65 13.04 9.67
C ALA A 44 3.25 11.66 9.17
N VAL A 45 3.75 11.28 8.00
CA VAL A 45 3.45 9.97 7.44
C VAL A 45 4.18 8.89 8.21
N ASP A 46 5.32 9.25 8.79
CA ASP A 46 6.11 8.32 9.57
C ASP A 46 5.59 8.22 11.00
N GLU A 47 4.70 9.15 11.38
CA GLU A 47 4.14 9.15 12.72
C GLU A 47 2.61 9.21 12.70
N LYS A 48 2.01 9.09 11.51
CA LYS A 48 0.55 9.14 11.40
C LYS A 48 0.05 8.29 10.24
N LEU A 49 0.46 8.64 9.02
CA LEU A 49 0.04 7.91 7.83
C LEU A 49 0.63 6.50 7.81
N ARG A 50 1.65 6.26 8.64
CA ARG A 50 2.29 4.95 8.70
C ARG A 50 2.66 4.58 10.13
N ASP A 51 2.08 5.29 11.10
CA ASP A 51 2.36 5.02 12.50
C ASP A 51 1.11 5.17 13.38
N LEU A 52 -0.03 5.45 12.74
CA LEU A 52 -1.29 5.60 13.46
C LEU A 52 -2.12 4.32 13.42
N TYR A 53 -1.47 3.21 13.06
CA TYR A 53 -2.16 1.93 12.99
C TYR A 53 -1.38 0.86 13.74
N SER A 54 -0.12 0.68 13.34
CA SER A 54 0.75 -0.31 13.97
C SER A 54 0.11 -1.70 13.94
N LYS A 55 -0.50 -2.03 12.81
CA LYS A 55 -1.16 -3.33 12.65
C LYS A 55 -2.20 -3.55 13.75
N SER A 56 -2.62 -2.47 14.40
CA SER A 56 -3.63 -2.56 15.45
C SER A 56 -4.90 -3.22 14.92
N THR A 57 -5.40 -2.68 13.81
CA THR A 57 -6.60 -3.21 13.19
C THR A 57 -6.54 -3.05 11.67
N ALA A 58 -5.32 -2.92 11.15
CA ALA A 58 -5.12 -2.77 9.72
C ALA A 58 -5.34 -4.11 9.02
N ALA A 59 -4.73 -5.15 9.55
CA ALA A 59 -4.85 -6.49 9.00
C ALA A 59 -6.25 -7.04 9.25
N MET A 60 -6.91 -6.54 10.29
CA MET A 60 -8.25 -6.98 10.64
C MET A 60 -9.31 -6.17 9.90
N SER A 61 -8.93 -4.96 9.47
CA SER A 61 -9.85 -4.09 8.74
C SER A 61 -9.20 -3.61 7.44
N THR A 62 -8.61 -4.55 6.71
CA THR A 62 -7.96 -4.23 5.44
C THR A 62 -8.93 -4.40 4.28
N TYR A 63 -10.03 -5.11 4.53
CA TYR A 63 -11.04 -5.34 3.51
C TYR A 63 -11.37 -4.04 2.79
N THR A 64 -11.18 -2.93 3.48
CA THR A 64 -11.44 -1.62 2.90
C THR A 64 -10.80 -1.50 1.53
N GLY A 65 -9.71 -2.25 1.34
CA GLY A 65 -9.02 -2.22 0.06
C GLY A 65 -9.74 -3.04 -0.99
N ILE A 66 -10.53 -4.01 -0.55
CA ILE A 66 -11.28 -4.86 -1.48
C ILE A 66 -12.75 -4.49 -1.49
N PHE A 67 -13.19 -3.74 -0.48
CA PHE A 67 -14.60 -3.32 -0.38
C PHE A 67 -15.15 -2.90 -1.74
N THR A 68 -14.27 -2.35 -2.58
CA THR A 68 -14.66 -1.92 -3.92
C THR A 68 -14.18 -2.90 -4.97
N ASP A 69 -13.10 -3.63 -4.64
CA ASP A 69 -12.55 -4.62 -5.57
C ASP A 69 -13.45 -5.84 -5.65
N GLN A 70 -14.04 -6.21 -4.52
CA GLN A 70 -14.94 -7.36 -4.47
C GLN A 70 -16.23 -7.08 -5.23
N VAL A 71 -16.64 -5.81 -5.23
CA VAL A 71 -17.86 -5.40 -5.93
C VAL A 71 -17.55 -5.04 -7.38
N LEU A 72 -16.40 -4.41 -7.60
CA LEU A 72 -15.99 -4.02 -8.95
C LEU A 72 -15.89 -5.22 -9.87
N SER A 73 -15.56 -6.38 -9.29
CA SER A 73 -15.43 -7.60 -10.06
C SER A 73 -16.81 -8.18 -10.39
N VAL A 74 -17.80 -7.84 -9.58
CA VAL A 74 -19.16 -8.32 -9.78
C VAL A 74 -19.67 -7.92 -11.16
N LEU A 75 -19.21 -6.78 -11.65
CA LEU A 75 -19.60 -6.29 -12.96
C LEU A 75 -19.32 -7.33 -14.03
N LYS A 76 -18.36 -8.21 -13.75
CA LYS A 76 -17.97 -9.26 -14.68
C LYS A 76 -17.03 -10.25 -14.01
N GLY A 77 -17.51 -11.47 -13.83
CA GLY A 77 -16.71 -12.50 -13.19
C GLY A 77 -17.26 -12.88 -11.83
N GLU A 78 -18.28 -12.16 -11.38
CA GLU A 78 -18.91 -12.42 -10.10
C GLU A 78 -17.87 -12.66 -9.00
N GLU A 79 -16.72 -12.01 -9.14
CA GLU A 79 -15.64 -12.15 -8.18
C GLU A 79 -15.57 -10.92 -7.26
N THR A 13 10.70 -20.53 -6.60
CA THR A 13 9.70 -19.46 -6.41
C THR A 13 8.93 -19.19 -7.70
N PHE A 14 9.55 -18.43 -8.61
CA PHE A 14 8.93 -18.08 -9.88
C PHE A 14 7.98 -16.89 -9.73
N LEU A 15 7.17 -16.92 -8.68
CA LEU A 15 6.23 -15.84 -8.41
C LEU A 15 6.94 -14.68 -7.74
N THR A 16 7.97 -14.99 -6.95
CA THR A 16 8.74 -13.97 -6.25
C THR A 16 9.60 -13.18 -7.23
N GLN A 17 9.99 -13.82 -8.32
CA GLN A 17 10.82 -13.16 -9.32
C GLN A 17 10.05 -11.98 -9.92
N VAL A 18 8.83 -12.24 -10.40
CA VAL A 18 8.01 -11.19 -10.99
C VAL A 18 7.71 -10.14 -9.93
N LYS A 19 7.55 -10.58 -8.69
CA LYS A 19 7.29 -9.67 -7.59
C LYS A 19 8.37 -8.61 -7.54
N GLU A 20 9.56 -8.94 -8.05
CA GLU A 20 10.66 -8.01 -8.08
C GLU A 20 10.46 -6.98 -9.19
N SER A 21 9.69 -7.37 -10.21
CA SER A 21 9.41 -6.51 -11.34
C SER A 21 8.08 -5.78 -11.15
N LEU A 22 7.02 -6.56 -10.91
CA LEU A 22 5.69 -5.97 -10.70
C LEU A 22 5.71 -5.04 -9.48
N SER A 23 6.70 -5.22 -8.62
CA SER A 23 6.84 -4.42 -7.43
C SER A 23 8.14 -3.61 -7.45
N SER A 24 8.88 -3.70 -8.55
CA SER A 24 10.14 -2.98 -8.68
C SER A 24 9.94 -1.47 -8.52
N TYR A 25 8.71 -1.03 -8.77
CA TYR A 25 8.37 0.39 -8.63
C TYR A 25 7.71 0.64 -7.28
N TRP A 26 7.31 -0.43 -6.63
CA TRP A 26 6.69 -0.35 -5.31
C TRP A 26 7.76 -0.47 -4.25
N GLU A 27 8.86 -1.12 -4.60
CA GLU A 27 9.99 -1.29 -3.70
C GLU A 27 10.88 -0.06 -3.70
N SER A 28 10.81 0.70 -4.80
CA SER A 28 11.60 1.91 -4.93
C SER A 28 10.98 3.04 -4.13
N ALA A 29 9.67 3.19 -4.27
CA ALA A 29 8.95 4.23 -3.54
C ALA A 29 9.29 4.16 -2.05
N LYS A 30 9.64 2.96 -1.60
CA LYS A 30 10.00 2.74 -0.21
C LYS A 30 11.48 3.03 0.01
N THR A 31 12.28 2.81 -1.03
CA THR A 31 13.72 3.05 -0.94
C THR A 31 14.01 4.55 -0.84
N ALA A 32 13.14 5.36 -1.44
CA ALA A 32 13.31 6.80 -1.42
C ALA A 32 12.33 7.47 -0.44
N ALA A 33 11.65 6.64 0.36
CA ALA A 33 10.71 7.16 1.34
C ALA A 33 11.39 7.40 2.68
N GLN A 34 12.09 6.37 3.17
CA GLN A 34 12.80 6.48 4.44
C GLN A 34 13.83 7.61 4.40
N ASN A 35 14.24 7.98 3.18
CA ASN A 35 15.20 9.05 3.01
C ASN A 35 14.55 10.41 3.24
N LEU A 36 13.59 10.74 2.39
CA LEU A 36 12.89 12.02 2.51
C LEU A 36 12.19 12.13 3.85
N TYR A 37 11.67 11.02 4.36
CA TYR A 37 10.98 11.01 5.65
C TYR A 37 11.95 11.31 6.79
N GLU A 38 13.24 11.21 6.50
CA GLU A 38 14.26 11.47 7.51
C GLU A 38 14.45 12.97 7.72
N LYS A 39 14.18 13.75 6.67
CA LYS A 39 14.31 15.19 6.74
C LYS A 39 13.00 15.86 7.16
N THR A 40 12.07 15.07 7.66
CA THR A 40 10.78 15.58 8.11
C THR A 40 10.08 16.33 6.97
N TYR A 41 9.76 15.61 5.90
CA TYR A 41 9.09 16.20 4.75
C TYR A 41 7.68 15.65 4.59
N LEU A 42 7.06 15.29 5.71
CA LEU A 42 5.71 14.75 5.70
C LEU A 42 4.67 15.86 5.61
N PRO A 43 3.61 15.67 4.80
CA PRO A 43 2.55 16.67 4.65
C PRO A 43 1.88 17.02 5.96
N ALA A 44 1.18 16.05 6.54
CA ALA A 44 0.49 16.27 7.81
C ALA A 44 0.18 14.94 8.52
N VAL A 45 0.91 13.90 8.17
CA VAL A 45 0.71 12.60 8.80
C VAL A 45 1.07 12.68 10.27
N ASP A 46 2.07 13.49 10.58
CA ASP A 46 2.50 13.69 11.95
C ASP A 46 1.39 14.36 12.75
N GLU A 47 0.55 15.13 12.05
CA GLU A 47 -0.56 15.81 12.68
C GLU A 47 -1.79 14.92 12.70
N LYS A 48 -2.28 14.55 11.51
CA LYS A 48 -3.45 13.69 11.39
C LYS A 48 -3.82 13.45 9.93
N LEU A 49 -2.83 13.07 9.12
CA LEU A 49 -3.08 12.82 7.71
C LEU A 49 -3.16 11.31 7.43
N ARG A 50 -2.35 10.55 8.15
CA ARG A 50 -2.33 9.09 7.99
C ARG A 50 -1.60 8.42 9.16
N ASP A 51 -1.66 9.05 10.32
CA ASP A 51 -1.00 8.51 11.51
C ASP A 51 -2.01 8.23 12.63
N LEU A 52 -3.18 8.89 12.56
CA LEU A 52 -4.21 8.69 13.56
C LEU A 52 -5.17 7.57 13.16
N TYR A 53 -4.74 6.73 12.22
CA TYR A 53 -5.56 5.62 11.76
C TYR A 53 -4.83 4.29 11.93
N SER A 54 -3.60 4.25 11.42
CA SER A 54 -2.78 3.04 11.52
C SER A 54 -3.52 1.84 10.96
N LYS A 55 -4.16 2.02 9.81
CA LYS A 55 -4.90 0.95 9.17
C LYS A 55 -6.01 0.44 10.09
N SER A 56 -6.37 1.22 11.09
CA SER A 56 -7.42 0.85 12.02
C SER A 56 -8.71 0.54 11.27
N THR A 57 -9.08 1.45 10.38
CA THR A 57 -10.29 1.27 9.58
C THR A 57 -10.08 1.78 8.16
N ALA A 58 -8.82 1.86 7.75
CA ALA A 58 -8.48 2.31 6.41
C ALA A 58 -8.70 1.18 5.41
N ALA A 59 -8.26 -0.01 5.78
CA ALA A 59 -8.42 -1.18 4.94
C ALA A 59 -9.88 -1.66 4.94
N MET A 60 -10.62 -1.29 5.98
CA MET A 60 -12.02 -1.66 6.09
C MET A 60 -12.91 -0.74 5.26
N SER A 61 -12.48 0.50 5.10
CA SER A 61 -13.24 1.48 4.33
C SER A 61 -12.64 1.65 2.93
N THR A 62 -12.06 0.57 2.42
CA THR A 62 -11.46 0.59 1.09
C THR A 62 -12.36 -0.08 0.07
N TYR A 63 -13.35 -0.83 0.57
CA TYR A 63 -14.27 -1.54 -0.30
C TYR A 63 -14.79 -0.62 -1.40
N THR A 64 -14.82 0.68 -1.12
CA THR A 64 -15.26 1.66 -2.10
C THR A 64 -14.57 1.44 -3.43
N GLY A 65 -13.35 0.89 -3.37
CA GLY A 65 -12.59 0.62 -4.57
C GLY A 65 -12.31 -0.86 -4.78
N ILE A 66 -12.83 -1.68 -3.86
CA ILE A 66 -12.64 -3.13 -3.96
C ILE A 66 -13.96 -3.85 -4.22
N PHE A 67 -15.07 -3.11 -4.14
CA PHE A 67 -16.40 -3.69 -4.36
C PHE A 67 -16.39 -4.58 -5.60
N THR A 68 -15.53 -4.25 -6.56
CA THR A 68 -15.42 -5.02 -7.79
C THR A 68 -14.11 -5.81 -7.81
N ASP A 69 -13.12 -5.33 -7.05
CA ASP A 69 -11.82 -6.01 -6.99
C ASP A 69 -11.94 -7.28 -6.16
N GLN A 70 -12.75 -7.22 -5.11
CA GLN A 70 -12.95 -8.37 -4.23
C GLN A 70 -13.65 -9.50 -4.99
N VAL A 71 -14.50 -9.13 -5.94
CA VAL A 71 -15.23 -10.10 -6.74
C VAL A 71 -14.32 -10.68 -7.82
N LEU A 72 -13.60 -9.80 -8.51
CA LEU A 72 -12.69 -10.24 -9.57
C LEU A 72 -11.58 -11.13 -9.00
N SER A 73 -11.29 -10.95 -7.72
CA SER A 73 -10.25 -11.74 -7.05
C SER A 73 -10.78 -13.13 -6.70
N VAL A 74 -12.10 -13.25 -6.56
CA VAL A 74 -12.71 -14.53 -6.24
C VAL A 74 -12.36 -15.59 -7.27
N LEU A 75 -12.16 -15.15 -8.51
CA LEU A 75 -11.79 -16.06 -9.59
C LEU A 75 -10.53 -16.83 -9.23
N LYS A 76 -9.73 -16.26 -8.34
CA LYS A 76 -8.49 -16.89 -7.91
C LYS A 76 -7.80 -16.05 -6.85
N GLY A 77 -7.67 -16.60 -5.65
CA GLY A 77 -7.04 -15.90 -4.56
C GLY A 77 -8.02 -15.57 -3.44
N GLU A 78 -9.31 -15.77 -3.72
CA GLU A 78 -10.37 -15.51 -2.75
C GLU A 78 -10.14 -14.18 -2.03
N GLU A 79 -9.53 -13.23 -2.73
CA GLU A 79 -9.24 -11.92 -2.17
C GLU A 79 -10.50 -11.06 -2.13
N THR A 13 16.32 6.29 -19.93
CA THR A 13 17.73 5.86 -20.18
C THR A 13 18.70 6.63 -19.29
N PHE A 14 19.16 7.79 -19.76
CA PHE A 14 20.08 8.62 -19.00
C PHE A 14 19.34 9.37 -17.90
N LEU A 15 18.05 9.58 -18.12
CA LEU A 15 17.23 10.29 -17.14
C LEU A 15 16.72 9.34 -16.06
N THR A 16 16.58 8.07 -16.41
CA THR A 16 16.11 7.06 -15.46
C THR A 16 17.18 6.75 -14.43
N GLN A 17 18.44 6.84 -14.83
CA GLN A 17 19.54 6.57 -13.91
C GLN A 17 19.49 7.56 -12.74
N VAL A 18 19.44 8.85 -13.06
CA VAL A 18 19.38 9.88 -12.03
C VAL A 18 18.11 9.70 -11.21
N LYS A 19 17.05 9.27 -11.87
CA LYS A 19 15.78 9.03 -11.19
C LYS A 19 15.99 8.06 -10.04
N GLU A 20 17.02 7.23 -10.16
CA GLU A 20 17.35 6.26 -9.11
C GLU A 20 18.04 6.96 -7.95
N SER A 21 18.64 8.10 -8.24
CA SER A 21 19.35 8.89 -7.23
C SER A 21 18.48 10.02 -6.71
N LEU A 22 17.96 10.84 -7.62
CA LEU A 22 17.10 11.96 -7.22
C LEU A 22 15.85 11.44 -6.51
N SER A 23 15.55 10.16 -6.71
CA SER A 23 14.40 9.54 -6.09
C SER A 23 14.81 8.46 -5.09
N SER A 24 16.13 8.23 -4.97
CA SER A 24 16.62 7.21 -4.05
C SER A 24 16.19 7.52 -2.61
N TYR A 25 15.86 8.77 -2.35
CA TYR A 25 15.41 9.18 -1.02
C TYR A 25 13.89 9.17 -0.96
N TRP A 26 13.25 9.11 -2.12
CA TRP A 26 11.81 9.07 -2.21
C TRP A 26 11.35 7.62 -2.26
N GLU A 27 12.24 6.76 -2.77
CA GLU A 27 11.96 5.34 -2.86
C GLU A 27 12.31 4.64 -1.56
N SER A 28 13.17 5.28 -0.76
CA SER A 28 13.59 4.73 0.52
C SER A 28 12.52 4.99 1.58
N ALA A 29 12.03 6.23 1.59
CA ALA A 29 11.00 6.61 2.54
C ALA A 29 9.83 5.65 2.47
N LYS A 30 9.65 5.04 1.30
CA LYS A 30 8.57 4.08 1.09
C LYS A 30 9.05 2.65 1.38
N THR A 31 10.36 2.43 1.21
CA THR A 31 10.94 1.11 1.46
C THR A 31 11.14 0.89 2.95
N ALA A 32 11.32 1.97 3.69
CA ALA A 32 11.52 1.89 5.14
C ALA A 32 10.24 2.21 5.91
N ALA A 33 9.14 2.38 5.18
CA ALA A 33 7.86 2.68 5.81
C ALA A 33 6.97 1.44 5.82
N GLN A 34 7.05 0.66 4.75
CA GLN A 34 6.27 -0.56 4.64
C GLN A 34 6.85 -1.65 5.54
N ASN A 35 8.11 -1.48 5.93
CA ASN A 35 8.78 -2.45 6.79
C ASN A 35 8.29 -2.28 8.23
N LEU A 36 8.47 -1.09 8.77
CA LEU A 36 8.06 -0.80 10.14
C LEU A 36 6.54 -0.92 10.28
N TYR A 37 5.82 -0.39 9.30
CA TYR A 37 4.37 -0.43 9.31
C TYR A 37 3.85 -1.86 9.14
N GLU A 38 4.74 -2.77 8.73
CA GLU A 38 4.36 -4.16 8.54
C GLU A 38 4.46 -4.94 9.85
N LYS A 39 5.29 -4.46 10.76
CA LYS A 39 5.46 -5.11 12.05
C LYS A 39 4.84 -4.29 13.18
N THR A 40 3.86 -3.46 12.83
CA THR A 40 3.18 -2.61 13.82
C THR A 40 1.68 -2.68 13.65
N TYR A 41 1.22 -2.60 12.41
CA TYR A 41 -0.21 -2.64 12.11
C TYR A 41 -0.57 -3.92 11.38
N LEU A 42 0.15 -5.00 11.68
CA LEU A 42 -0.10 -6.29 11.05
C LEU A 42 -1.36 -6.94 11.61
N PRO A 43 -2.42 -7.07 10.78
CA PRO A 43 -3.67 -7.69 11.22
C PRO A 43 -3.62 -9.21 11.19
N ALA A 44 -3.28 -9.77 10.03
CA ALA A 44 -3.19 -11.22 9.88
C ALA A 44 -2.87 -11.61 8.44
N VAL A 45 -2.09 -10.77 7.76
CA VAL A 45 -1.70 -11.05 6.39
C VAL A 45 -0.65 -12.15 6.37
N ASP A 46 0.14 -12.21 7.43
CA ASP A 46 1.18 -13.22 7.55
C ASP A 46 0.57 -14.59 7.83
N GLU A 47 -0.63 -14.58 8.42
CA GLU A 47 -1.34 -15.81 8.74
C GLU A 47 -2.59 -15.96 7.87
N LYS A 48 -2.62 -15.23 6.75
CA LYS A 48 -3.75 -15.27 5.84
C LYS A 48 -3.34 -14.84 4.44
N LEU A 49 -2.72 -13.66 4.34
CA LEU A 49 -2.29 -13.14 3.04
C LEU A 49 -3.39 -13.33 2.00
N ARG A 50 -4.59 -12.91 2.36
CA ARG A 50 -5.75 -13.03 1.47
C ARG A 50 -5.91 -14.47 0.97
N ASP A 51 -5.56 -15.43 1.83
CA ASP A 51 -5.67 -16.84 1.48
C ASP A 51 -6.59 -17.58 2.45
N LEU A 52 -6.55 -17.20 3.71
CA LEU A 52 -7.38 -17.83 4.73
C LEU A 52 -8.73 -17.11 4.87
N TYR A 53 -9.05 -16.28 3.88
CA TYR A 53 -10.30 -15.53 3.87
C TYR A 53 -11.19 -15.99 2.73
N SER A 54 -10.58 -16.27 1.59
CA SER A 54 -11.33 -16.72 0.41
C SER A 54 -12.43 -15.74 0.05
N LYS A 55 -12.13 -14.45 0.18
CA LYS A 55 -13.10 -13.41 -0.13
C LYS A 55 -14.33 -13.52 0.78
N SER A 56 -14.21 -14.30 1.85
CA SER A 56 -15.32 -14.48 2.78
C SER A 56 -15.74 -13.13 3.37
N THR A 57 -14.77 -12.42 3.94
CA THR A 57 -15.02 -11.12 4.53
C THR A 57 -13.82 -10.19 4.33
N ALA A 58 -13.00 -10.51 3.33
CA ALA A 58 -11.83 -9.70 3.03
C ALA A 58 -12.23 -8.44 2.29
N ALA A 59 -13.15 -8.59 1.35
CA ALA A 59 -13.65 -7.47 0.57
C ALA A 59 -14.56 -6.59 1.41
N MET A 60 -15.16 -7.18 2.45
CA MET A 60 -16.07 -6.44 3.33
C MET A 60 -15.30 -5.66 4.39
N SER A 61 -14.04 -6.07 4.63
CA SER A 61 -13.21 -5.41 5.63
C SER A 61 -11.88 -4.98 5.00
N THR A 62 -11.96 -4.38 3.83
CA THR A 62 -10.77 -3.91 3.11
C THR A 62 -10.66 -2.39 3.18
N TYR A 63 -11.75 -1.73 3.55
CA TYR A 63 -11.78 -0.28 3.64
C TYR A 63 -10.54 0.24 4.38
N THR A 64 -9.99 -0.58 5.26
CA THR A 64 -8.80 -0.22 6.00
C THR A 64 -7.72 0.33 5.05
N GLY A 65 -7.77 -0.12 3.81
CA GLY A 65 -6.81 0.33 2.82
C GLY A 65 -7.42 1.24 1.77
N ILE A 66 -8.75 1.38 1.80
CA ILE A 66 -9.45 2.23 0.84
C ILE A 66 -9.93 3.52 1.48
N PHE A 67 -9.89 3.58 2.82
CA PHE A 67 -10.31 4.77 3.56
C PHE A 67 -9.80 6.05 2.88
N THR A 68 -8.65 5.94 2.24
CA THR A 68 -8.05 7.08 1.56
C THR A 68 -8.17 6.93 0.04
N ASP A 69 -8.29 5.69 -0.41
CA ASP A 69 -8.41 5.41 -1.84
C ASP A 69 -9.81 5.79 -2.34
N GLN A 70 -10.81 5.58 -1.50
CA GLN A 70 -12.18 5.91 -1.86
C GLN A 70 -12.37 7.42 -1.94
N VAL A 71 -11.59 8.16 -1.15
CA VAL A 71 -11.66 9.61 -1.15
C VAL A 71 -10.75 10.20 -2.22
N LEU A 72 -9.56 9.61 -2.36
CA LEU A 72 -8.59 10.08 -3.34
C LEU A 72 -9.16 9.99 -4.75
N SER A 73 -10.08 9.06 -4.96
CA SER A 73 -10.70 8.87 -6.26
C SER A 73 -11.78 9.93 -6.51
N VAL A 74 -12.31 10.48 -5.42
CA VAL A 74 -13.34 11.51 -5.51
C VAL A 74 -12.85 12.70 -6.32
N LEU A 75 -11.55 12.97 -6.23
CA LEU A 75 -10.95 14.07 -6.97
C LEU A 75 -11.25 13.95 -8.46
N LYS A 76 -11.51 12.72 -8.91
CA LYS A 76 -11.82 12.47 -10.30
C LYS A 76 -12.42 11.07 -10.48
N GLY A 77 -13.69 11.03 -10.83
CA GLY A 77 -14.37 9.77 -11.01
C GLY A 77 -15.40 9.52 -9.92
N GLU A 78 -15.44 10.42 -8.94
CA GLU A 78 -16.37 10.30 -7.83
C GLU A 78 -16.44 8.88 -7.29
N GLU A 79 -15.31 8.18 -7.38
CA GLU A 79 -15.23 6.80 -6.90
C GLU A 79 -14.93 6.76 -5.41
#